data_7WM7
#
_entry.id   7WM7
#
_cell.length_a   85.473
_cell.length_b   102.049
_cell.length_c   103.010
_cell.angle_alpha   90.000
_cell.angle_beta   90.000
_cell.angle_gamma   90.000
#
_symmetry.space_group_name_H-M   'P 21 21 21'
#
loop_
_entity.id
_entity.type
_entity.pdbx_description
1 polymer 'Threonine--tRNA ligase'
2 non-polymer 'ZINC ION'
3 non-polymer (2S,3R)-2-azanyl-N-[5-(7-bromanyl-6-chloranyl-4-oxidanylidene-quinazolin-3-yl)pentyl]-3-oxidanyl-N-[[3-(1-oxidanylidene-2,3-dihydroisoindol-5-yl)phenyl]methyl]butanamide
4 water water
#
_entity_poly.entity_id   1
_entity_poly.type   'polypeptide(L)'
_entity_poly.pdbx_seq_one_letter_code
;MGRDHRKIGKQLDLYHMQEEAPGMVFWHNDGWTIFRELEVFVRSKLKEYQYQEVKGPFMMDRVLWEKTGHWDNYKDAMFT
TSSENREYCIKPMNCPGHVQIFNQGLKSYRDLPLRMAEFGSCHRNEPSGALHGLMRVRGFTQDDAHIFCTEEQIRDEVNA
CIRMVYDMYSTFGFEKIVVKLSTRPDKRIGSDEMWDRAEADLAVALEENNIPFEYQLGEGAFYGPKIEFTLYDCLDRAWQ
CGTVQLDFSLPSRLSASYVGEDNERKVPVMIHRAILGSMERFIGILTEEFAGFFPTWLAPVQVVVMNITDSQSEYVNELT
QKLQNAGIRVKADLRNEKIGFKIREHTLRRVPYMLVCGDKEVEAGKVAVRTRRGKDLGSLDVNDVIEKLQQEIRSRSLQQ
LEELEHHHHHH
;
_entity_poly.pdbx_strand_id   A,B
#
loop_
_chem_comp.id
_chem_comp.type
_chem_comp.name
_chem_comp.formula
9I6 non-polymer (2S,3R)-2-azanyl-N-[5-(7-bromanyl-6-chloranyl-4-oxidanylidene-quinazolin-3-yl)pentyl]-3-oxidanyl-N-[[3-(1-oxidanylidene-2,3-dihydroisoindol-5-yl)phenyl]methyl]butanamide 'C32 H33 Br Cl N5 O4'
ZN non-polymer 'ZINC ION' 'Zn 2'
#
# COMPACT_ATOMS: atom_id res chain seq x y z
N ARG A 3 -26.66 -7.73 9.54
CA ARG A 3 -25.18 -7.90 9.76
C ARG A 3 -24.62 -8.95 8.80
N ASP A 4 -24.71 -8.71 7.48
CA ASP A 4 -24.10 -9.57 6.44
C ASP A 4 -23.18 -8.71 5.57
N HIS A 5 -21.88 -9.06 5.53
CA HIS A 5 -20.81 -8.29 4.84
C HIS A 5 -21.09 -8.24 3.33
N ARG A 6 -21.78 -9.25 2.77
CA ARG A 6 -22.06 -9.34 1.32
C ARG A 6 -23.17 -8.36 0.93
N LYS A 7 -24.07 -8.03 1.88
CA LYS A 7 -25.18 -7.08 1.66
C LYS A 7 -24.67 -5.66 1.89
N ILE A 8 -24.11 -5.39 3.07
CA ILE A 8 -23.54 -4.06 3.45
C ILE A 8 -22.45 -3.71 2.41
N GLY A 9 -21.71 -4.70 1.93
CA GLY A 9 -20.69 -4.55 0.87
C GLY A 9 -21.26 -3.97 -0.42
N LYS A 10 -22.44 -4.44 -0.83
CA LYS A 10 -23.16 -3.96 -2.05
C LYS A 10 -23.79 -2.60 -1.74
N GLN A 11 -24.39 -2.45 -0.55
CA GLN A 11 -25.13 -1.23 -0.10
C GLN A 11 -24.20 -0.01 -0.09
N LEU A 12 -23.08 -0.10 0.63
CA LEU A 12 -22.09 1.00 0.81
C LEU A 12 -21.04 0.97 -0.32
N ASP A 13 -21.23 0.14 -1.35
CA ASP A 13 -20.42 0.13 -2.59
C ASP A 13 -18.94 -0.05 -2.21
N LEU A 14 -18.65 -0.97 -1.28
CA LEU A 14 -17.29 -1.21 -0.74
C LEU A 14 -16.52 -2.09 -1.71
N TYR A 15 -17.14 -3.18 -2.16
CA TYR A 15 -16.54 -4.19 -3.07
C TYR A 15 -17.64 -4.91 -3.85
N HIS A 16 -17.21 -5.72 -4.82
CA HIS A 16 -18.03 -6.72 -5.54
C HIS A 16 -17.13 -7.89 -5.94
N MET A 17 -17.73 -9.02 -6.34
CA MET A 17 -17.01 -10.20 -6.87
C MET A 17 -17.76 -10.75 -8.08
N GLN A 18 -17.03 -11.42 -8.98
CA GLN A 18 -17.52 -11.96 -10.27
C GLN A 18 -16.96 -13.37 -10.47
N GLU A 19 -17.58 -14.15 -11.36
CA GLU A 19 -17.22 -15.58 -11.60
C GLU A 19 -16.07 -15.67 -12.62
N GLU A 20 -15.67 -14.54 -13.21
CA GLU A 20 -14.48 -14.45 -14.10
C GLU A 20 -13.21 -14.47 -13.24
N ALA A 21 -13.35 -14.17 -11.94
CA ALA A 21 -12.27 -14.20 -10.92
C ALA A 21 -12.86 -14.70 -9.59
N PRO A 22 -13.04 -16.03 -9.43
CA PRO A 22 -13.65 -16.57 -8.20
C PRO A 22 -12.75 -16.37 -6.97
N GLY A 23 -13.32 -15.86 -5.87
CA GLY A 23 -12.64 -15.65 -4.59
C GLY A 23 -11.54 -14.61 -4.68
N MET A 24 -11.65 -13.67 -5.62
CA MET A 24 -10.71 -12.55 -5.80
C MET A 24 -11.51 -11.24 -5.90
N VAL A 25 -11.29 -10.34 -4.93
CA VAL A 25 -12.19 -9.19 -4.63
C VAL A 25 -11.88 -8.06 -5.60
N PHE A 26 -12.92 -7.40 -6.10
CA PHE A 26 -12.86 -6.07 -6.76
C PHE A 26 -13.15 -5.02 -5.69
N TRP A 27 -12.11 -4.34 -5.21
CA TRP A 27 -12.21 -3.30 -4.14
C TRP A 27 -12.58 -1.96 -4.78
N HIS A 28 -13.80 -1.48 -4.52
CA HIS A 28 -14.29 -0.14 -4.94
C HIS A 28 -13.64 0.92 -4.03
N ASN A 29 -13.82 2.19 -4.37
CA ASN A 29 -13.16 3.35 -3.72
C ASN A 29 -13.31 3.27 -2.19
N ASP A 30 -14.54 3.16 -1.70
CA ASP A 30 -14.87 3.27 -0.26
C ASP A 30 -14.37 2.05 0.50
N GLY A 31 -14.45 0.86 -0.11
CA GLY A 31 -13.93 -0.39 0.47
C GLY A 31 -12.41 -0.36 0.55
N TRP A 32 -11.76 0.11 -0.52
CA TRP A 32 -10.28 0.24 -0.61
C TRP A 32 -9.77 1.27 0.41
N THR A 33 -10.62 2.24 0.78
CA THR A 33 -10.31 3.28 1.79
C THR A 33 -10.26 2.64 3.18
N ILE A 34 -11.19 1.73 3.48
CA ILE A 34 -11.23 0.96 4.76
C ILE A 34 -9.97 0.09 4.81
N PHE A 35 -9.69 -0.65 3.73
CA PHE A 35 -8.53 -1.55 3.59
C PHE A 35 -7.24 -0.79 3.91
N ARG A 36 -7.01 0.34 3.23
CA ARG A 36 -5.79 1.17 3.33
C ARG A 36 -5.66 1.75 4.75
N GLU A 37 -6.77 2.13 5.38
CA GLU A 37 -6.78 2.68 6.76
C GLU A 37 -6.41 1.57 7.76
N LEU A 38 -6.75 0.33 7.44
CA LEU A 38 -6.37 -0.86 8.25
C LEU A 38 -4.87 -1.11 8.07
N GLU A 39 -4.35 -1.01 6.84
CA GLU A 39 -2.89 -1.11 6.53
C GLU A 39 -2.13 -0.08 7.38
N VAL A 40 -2.57 1.18 7.36
CA VAL A 40 -1.96 2.31 8.11
C VAL A 40 -1.93 1.96 9.60
N PHE A 41 -3.01 1.38 10.14
CA PHE A 41 -3.11 1.00 11.58
C PHE A 41 -2.03 -0.05 11.91
N VAL A 42 -2.03 -1.17 11.17
CA VAL A 42 -1.06 -2.29 11.35
C VAL A 42 0.36 -1.74 11.22
N ARG A 43 0.60 -0.93 10.18
CA ARG A 43 1.90 -0.27 9.89
C ARG A 43 2.38 0.50 11.13
N SER A 44 1.49 1.19 11.84
CA SER A 44 1.82 1.97 13.07
C SER A 44 2.23 1.01 14.19
N LYS A 45 1.59 -0.17 14.26
CA LYS A 45 1.92 -1.24 15.24
C LYS A 45 3.25 -1.90 14.86
N LEU A 46 3.54 -2.09 13.56
CA LEU A 46 4.85 -2.61 13.08
C LEU A 46 5.97 -1.70 13.59
N LYS A 47 5.79 -0.38 13.47
CA LYS A 47 6.77 0.64 13.94
C LYS A 47 6.91 0.54 15.47
N GLU A 48 5.77 0.50 16.17
CA GLU A 48 5.69 0.44 17.66
C GLU A 48 6.40 -0.82 18.19
N TYR A 49 6.24 -1.96 17.53
CA TYR A 49 6.77 -3.28 17.96
C TYR A 49 8.08 -3.58 17.23
N GLN A 50 8.61 -2.62 16.48
CA GLN A 50 9.98 -2.62 15.89
C GLN A 50 10.09 -3.73 14.83
N TYR A 51 9.20 -3.70 13.83
CA TYR A 51 9.21 -4.60 12.66
C TYR A 51 9.78 -3.84 11.45
N GLN A 52 10.56 -4.53 10.61
CA GLN A 52 10.86 -4.12 9.22
C GLN A 52 9.61 -4.44 8.39
N GLU A 53 9.40 -3.71 7.30
CA GLU A 53 8.34 -4.02 6.30
C GLU A 53 8.99 -4.18 4.93
N VAL A 54 8.75 -5.33 4.29
CA VAL A 54 9.34 -5.70 2.98
C VAL A 54 8.21 -6.02 2.01
N LYS A 55 8.55 -6.27 0.76
CA LYS A 55 7.62 -6.74 -0.28
C LYS A 55 8.35 -7.80 -1.10
N GLY A 56 7.75 -8.99 -1.20
CA GLY A 56 8.30 -10.12 -1.98
C GLY A 56 7.54 -10.31 -3.28
N PRO A 57 8.17 -10.96 -4.28
CA PRO A 57 7.52 -11.23 -5.57
C PRO A 57 6.26 -12.10 -5.46
N PHE A 58 5.39 -12.04 -6.47
CA PHE A 58 4.13 -12.81 -6.55
C PHE A 58 4.44 -14.28 -6.90
N MET A 59 5.52 -14.56 -7.64
CA MET A 59 5.85 -15.94 -8.08
C MET A 59 7.36 -16.21 -7.98
N MET A 60 7.70 -17.47 -7.72
CA MET A 60 9.10 -17.99 -7.63
C MET A 60 9.15 -19.40 -8.21
N ASP A 61 10.35 -19.87 -8.58
CA ASP A 61 10.63 -21.19 -9.20
C ASP A 61 10.04 -22.30 -8.31
N ARG A 62 9.38 -23.29 -8.93
CA ARG A 62 8.83 -24.50 -8.26
C ARG A 62 9.97 -25.24 -7.54
N VAL A 63 11.18 -25.22 -8.12
CA VAL A 63 12.40 -25.87 -7.55
C VAL A 63 12.62 -25.33 -6.11
N LEU A 64 12.44 -24.02 -5.91
CA LEU A 64 12.61 -23.38 -4.57
C LEU A 64 11.49 -23.84 -3.65
N TRP A 65 10.25 -23.83 -4.14
CA TRP A 65 9.04 -24.24 -3.38
C TRP A 65 9.09 -25.75 -3.06
N GLU A 66 9.84 -26.54 -3.83
CA GLU A 66 10.04 -27.99 -3.59
C GLU A 66 10.92 -28.18 -2.35
N LYS A 67 11.89 -27.29 -2.12
CA LYS A 67 12.89 -27.38 -1.02
C LYS A 67 12.23 -27.06 0.34
N THR A 68 11.09 -26.37 0.33
CA THR A 68 10.34 -25.97 1.56
C THR A 68 9.74 -27.21 2.23
N GLY A 69 9.29 -28.18 1.42
CA GLY A 69 8.66 -29.44 1.90
C GLY A 69 7.15 -29.31 1.99
N HIS A 70 6.59 -28.21 1.47
CA HIS A 70 5.13 -27.94 1.43
C HIS A 70 4.53 -28.50 0.13
N TRP A 71 5.36 -28.70 -0.90
CA TRP A 71 4.94 -29.04 -2.28
C TRP A 71 4.04 -30.28 -2.28
N ASP A 72 4.55 -31.43 -1.84
CA ASP A 72 3.84 -32.74 -1.92
C ASP A 72 2.47 -32.64 -1.22
N ASN A 73 2.40 -32.01 -0.04
CA ASN A 73 1.19 -31.94 0.81
C ASN A 73 0.14 -31.00 0.19
N TYR A 74 0.54 -29.85 -0.34
CA TYR A 74 -0.38 -28.76 -0.77
C TYR A 74 -0.18 -28.37 -2.25
N LYS A 75 0.37 -29.26 -3.08
CA LYS A 75 0.59 -29.00 -4.53
C LYS A 75 -0.76 -28.69 -5.21
N ASP A 76 -1.83 -29.35 -4.78
CA ASP A 76 -3.20 -29.25 -5.37
C ASP A 76 -3.81 -27.86 -5.09
N ALA A 77 -3.36 -27.18 -4.04
CA ALA A 77 -3.90 -25.87 -3.58
C ALA A 77 -3.09 -24.72 -4.19
N MET A 78 -1.97 -24.99 -4.85
CA MET A 78 -1.00 -23.97 -5.32
C MET A 78 -1.22 -23.70 -6.82
N PHE A 79 -1.40 -22.43 -7.19
CA PHE A 79 -1.44 -21.95 -8.60
C PHE A 79 -0.03 -21.98 -9.18
N THR A 80 0.16 -22.65 -10.33
CA THR A 80 1.43 -22.71 -11.08
C THR A 80 1.27 -22.00 -12.43
N THR A 81 2.37 -21.50 -12.97
CA THR A 81 2.47 -20.89 -14.33
C THR A 81 3.88 -21.17 -14.87
N SER A 82 4.01 -21.33 -16.19
CA SER A 82 5.27 -21.74 -16.86
C SER A 82 5.82 -20.58 -17.71
N SER A 83 7.13 -20.62 -17.95
CA SER A 83 7.89 -19.67 -18.81
C SER A 83 9.26 -20.28 -19.13
N GLU A 84 9.55 -20.50 -20.42
CA GLU A 84 10.88 -20.91 -20.93
C GLU A 84 11.36 -22.16 -20.20
N ASN A 85 10.50 -23.20 -20.17
CA ASN A 85 10.79 -24.58 -19.69
C ASN A 85 11.07 -24.56 -18.17
N ARG A 86 10.51 -23.59 -17.45
CA ARG A 86 10.61 -23.45 -15.97
C ARG A 86 9.21 -23.19 -15.41
N GLU A 87 8.83 -23.92 -14.35
CA GLU A 87 7.53 -23.78 -13.66
C GLU A 87 7.70 -22.81 -12.48
N TYR A 88 6.74 -21.90 -12.31
CA TYR A 88 6.71 -20.89 -11.22
C TYR A 88 5.38 -21.02 -10.45
N CYS A 89 5.46 -21.07 -9.12
CA CYS A 89 4.29 -21.10 -8.20
C CYS A 89 3.91 -19.67 -7.84
N ILE A 90 2.61 -19.35 -7.87
CA ILE A 90 2.03 -18.09 -7.32
C ILE A 90 1.94 -18.29 -5.81
N LYS A 91 2.69 -17.50 -5.03
CA LYS A 91 2.94 -17.75 -3.58
C LYS A 91 1.61 -17.79 -2.83
N PRO A 92 1.33 -18.87 -2.06
CA PRO A 92 0.22 -18.87 -1.09
C PRO A 92 0.68 -18.42 0.30
N MET A 93 1.98 -18.19 0.47
CA MET A 93 2.64 -17.86 1.76
C MET A 93 3.85 -16.97 1.47
N ASN A 94 4.24 -16.13 2.43
CA ASN A 94 5.30 -15.11 2.25
C ASN A 94 6.62 -15.57 2.88
N CYS A 95 6.60 -16.70 3.61
CA CYS A 95 7.75 -17.21 4.41
C CYS A 95 8.98 -17.39 3.51
N PRO A 96 8.94 -18.20 2.42
CA PRO A 96 10.15 -18.45 1.63
C PRO A 96 10.78 -17.17 1.06
N GLY A 97 9.97 -16.20 0.61
CA GLY A 97 10.45 -14.90 0.11
C GLY A 97 11.19 -14.11 1.19
N HIS A 98 10.63 -14.08 2.41
CA HIS A 98 11.23 -13.42 3.61
C HIS A 98 12.61 -14.02 3.88
N VAL A 99 12.77 -15.33 3.70
CA VAL A 99 14.07 -16.04 3.92
C VAL A 99 15.07 -15.61 2.85
N GLN A 100 14.62 -15.48 1.59
CA GLN A 100 15.49 -15.03 0.47
C GLN A 100 16.08 -13.65 0.84
N ILE A 101 15.25 -12.74 1.36
CA ILE A 101 15.67 -11.38 1.79
C ILE A 101 16.68 -11.53 2.94
N PHE A 102 16.40 -12.39 3.91
CA PHE A 102 17.29 -12.68 5.08
C PHE A 102 18.67 -13.14 4.59
N ASN A 103 18.72 -13.97 3.55
CA ASN A 103 19.97 -14.62 3.07
C ASN A 103 20.83 -13.68 2.23
N GLN A 104 20.32 -12.49 1.87
CA GLN A 104 21.13 -11.43 1.21
C GLN A 104 21.99 -10.72 2.26
N GLY A 105 23.31 -10.70 2.06
CA GLY A 105 24.28 -10.12 3.01
C GLY A 105 24.51 -11.06 4.18
N LEU A 106 25.72 -11.04 4.75
CA LEU A 106 26.09 -11.87 5.93
C LEU A 106 25.30 -11.38 7.14
N LYS A 107 24.64 -12.29 7.87
CA LYS A 107 23.85 -11.96 9.08
C LYS A 107 24.67 -12.34 10.32
N SER A 108 24.52 -11.53 11.39
CA SER A 108 25.23 -11.67 12.69
C SER A 108 24.19 -11.81 13.81
N TYR A 109 24.61 -12.33 14.97
CA TYR A 109 23.79 -12.46 16.21
C TYR A 109 23.26 -11.08 16.62
N ARG A 110 24.00 -10.02 16.29
CA ARG A 110 23.65 -8.59 16.56
C ARG A 110 22.39 -8.19 15.79
N ASP A 111 22.15 -8.79 14.62
CA ASP A 111 21.01 -8.44 13.72
C ASP A 111 19.75 -9.17 14.17
N LEU A 112 19.87 -10.12 15.11
CA LEU A 112 18.72 -10.86 15.70
C LEU A 112 18.36 -10.24 17.04
N PRO A 113 17.05 -10.20 17.43
CA PRO A 113 15.96 -10.71 16.60
C PRO A 113 15.65 -9.83 15.38
N LEU A 114 15.40 -10.45 14.21
CA LEU A 114 15.07 -9.75 12.95
C LEU A 114 13.59 -9.96 12.64
N ARG A 115 12.78 -8.91 12.80
CA ARG A 115 11.31 -8.92 12.64
C ARG A 115 10.98 -8.37 11.25
N MET A 116 10.53 -9.25 10.35
CA MET A 116 10.26 -8.94 8.92
C MET A 116 8.76 -9.08 8.64
N ALA A 117 8.05 -7.96 8.52
CA ALA A 117 6.59 -7.90 8.25
C ALA A 117 6.35 -7.72 6.75
N GLU A 118 5.16 -8.07 6.28
CA GLU A 118 4.71 -7.84 4.88
C GLU A 118 3.18 -7.88 4.85
N PHE A 119 2.57 -7.01 4.04
CA PHE A 119 1.17 -7.13 3.57
C PHE A 119 1.20 -8.00 2.32
N GLY A 120 1.36 -9.32 2.54
CA GLY A 120 1.71 -10.30 1.51
C GLY A 120 0.50 -10.75 0.71
N SER A 121 0.41 -10.30 -0.54
CA SER A 121 -0.64 -10.72 -1.51
C SER A 121 -0.42 -12.18 -1.89
N CYS A 122 -1.22 -13.09 -1.32
CA CYS A 122 -1.07 -14.55 -1.46
C CYS A 122 -2.26 -15.13 -2.25
N HIS A 123 -2.07 -16.28 -2.89
CA HIS A 123 -3.09 -16.96 -3.71
C HIS A 123 -3.12 -18.46 -3.41
N ARG A 124 -4.31 -18.99 -3.11
CA ARG A 124 -4.57 -20.43 -2.88
C ARG A 124 -5.67 -20.90 -3.86
N ASN A 125 -5.42 -22.01 -4.56
CA ASN A 125 -6.39 -22.66 -5.48
C ASN A 125 -7.43 -23.42 -4.62
N GLU A 126 -8.27 -22.66 -3.91
CA GLU A 126 -9.33 -23.20 -3.01
C GLU A 126 -10.53 -23.60 -3.86
N PRO A 127 -11.28 -24.67 -3.50
CA PRO A 127 -12.48 -25.07 -4.24
C PRO A 127 -13.52 -23.94 -4.31
N SER A 128 -14.09 -23.73 -5.50
CA SER A 128 -15.04 -22.63 -5.83
C SER A 128 -16.32 -22.75 -4.99
N GLY A 129 -16.75 -23.97 -4.69
CA GLY A 129 -17.94 -24.26 -3.87
C GLY A 129 -17.80 -23.77 -2.44
N ALA A 130 -16.57 -23.77 -1.91
CA ALA A 130 -16.23 -23.44 -0.51
C ALA A 130 -15.95 -21.94 -0.34
N LEU A 131 -16.04 -21.16 -1.42
CA LEU A 131 -15.87 -19.67 -1.38
C LEU A 131 -17.12 -19.03 -0.79
N HIS A 132 -16.94 -17.95 -0.03
CA HIS A 132 -18.04 -17.16 0.61
C HIS A 132 -17.54 -15.74 0.90
N GLY A 133 -17.90 -14.78 0.04
CA GLY A 133 -17.66 -13.34 0.21
C GLY A 133 -16.19 -13.03 0.50
N LEU A 134 -15.94 -12.24 1.54
CA LEU A 134 -14.58 -11.84 2.02
C LEU A 134 -14.05 -12.87 3.03
N MET A 135 -14.87 -13.84 3.44
CA MET A 135 -14.55 -14.81 4.52
C MET A 135 -13.65 -15.91 3.97
N ARG A 136 -14.06 -16.57 2.88
CA ARG A 136 -13.29 -17.63 2.19
C ARG A 136 -13.01 -17.17 0.76
N VAL A 137 -11.73 -16.95 0.43
CA VAL A 137 -11.28 -16.32 -0.86
C VAL A 137 -10.07 -17.11 -1.39
N ARG A 138 -9.73 -16.86 -2.66
CA ARG A 138 -8.51 -17.41 -3.33
C ARG A 138 -7.37 -16.38 -3.23
N GLY A 139 -7.67 -15.11 -3.53
CA GLY A 139 -6.73 -13.98 -3.42
C GLY A 139 -6.92 -13.23 -2.11
N PHE A 140 -5.96 -13.33 -1.19
CA PHE A 140 -6.03 -12.74 0.17
C PHE A 140 -4.73 -12.02 0.52
N THR A 141 -4.79 -11.12 1.50
CA THR A 141 -3.65 -10.31 2.01
C THR A 141 -3.49 -10.58 3.51
N GLN A 142 -2.32 -11.09 3.90
CA GLN A 142 -2.00 -11.41 5.32
C GLN A 142 -1.26 -10.24 5.96
N ASP A 143 -1.67 -9.81 7.15
CA ASP A 143 -0.84 -8.98 8.06
C ASP A 143 0.27 -9.91 8.59
N ASP A 144 1.12 -10.39 7.69
CA ASP A 144 2.08 -11.48 7.96
C ASP A 144 3.40 -10.88 8.47
N ALA A 145 4.16 -11.68 9.19
CA ALA A 145 5.56 -11.36 9.60
C ALA A 145 6.28 -12.66 9.94
N HIS A 146 7.61 -12.65 9.78
CA HIS A 146 8.52 -13.74 10.22
C HIS A 146 9.62 -13.12 11.07
N ILE A 147 9.80 -13.66 12.27
CA ILE A 147 10.85 -13.24 13.24
C ILE A 147 11.97 -14.29 13.23
N PHE A 148 13.18 -13.88 12.85
CA PHE A 148 14.42 -14.67 12.90
C PHE A 148 15.13 -14.35 14.23
N CYS A 149 15.32 -15.36 15.08
CA CYS A 149 15.90 -15.19 16.44
C CYS A 149 16.61 -16.45 16.91
N THR A 150 17.35 -16.34 18.03
CA THR A 150 18.04 -17.46 18.71
C THR A 150 17.00 -18.23 19.55
N GLU A 151 17.37 -19.43 20.02
CA GLU A 151 16.52 -20.25 20.92
C GLU A 151 16.28 -19.47 22.23
N GLU A 152 17.30 -18.73 22.68
CA GLU A 152 17.27 -17.93 23.94
C GLU A 152 16.22 -16.81 23.83
N GLN A 153 15.95 -16.34 22.60
CA GLN A 153 15.12 -15.13 22.32
C GLN A 153 13.66 -15.50 22.06
N ILE A 154 13.33 -16.79 21.89
CA ILE A 154 11.96 -17.26 21.51
C ILE A 154 10.93 -16.68 22.48
N ARG A 155 11.12 -16.89 23.79
CA ARG A 155 10.17 -16.50 24.87
C ARG A 155 9.84 -15.01 24.77
N ASP A 156 10.87 -14.16 24.71
CA ASP A 156 10.73 -12.68 24.64
C ASP A 156 9.93 -12.31 23.38
N GLU A 157 10.19 -12.98 22.25
CA GLU A 157 9.57 -12.63 20.94
C GLU A 157 8.11 -13.10 20.92
N VAL A 158 7.81 -14.29 21.42
CA VAL A 158 6.41 -14.82 21.51
C VAL A 158 5.64 -13.94 22.50
N ASN A 159 6.27 -13.59 23.62
CA ASN A 159 5.73 -12.63 24.63
C ASN A 159 5.23 -11.37 23.91
N ALA A 160 6.07 -10.78 23.05
CA ALA A 160 5.80 -9.53 22.31
C ALA A 160 4.66 -9.73 21.31
N CYS A 161 4.63 -10.89 20.62
CA CYS A 161 3.55 -11.28 19.69
C CYS A 161 2.20 -11.35 20.42
N ILE A 162 2.19 -11.94 21.62
CA ILE A 162 0.96 -12.09 22.46
C ILE A 162 0.43 -10.69 22.80
N ARG A 163 1.28 -9.81 23.31
N ARG A 163 1.28 -9.81 23.32
CA ARG A 163 0.94 -8.41 23.68
CA ARG A 163 0.96 -8.40 23.67
C ARG A 163 0.39 -7.68 22.44
C ARG A 163 0.38 -7.69 22.44
N MET A 164 1.02 -7.87 21.28
CA MET A 164 0.61 -7.26 19.99
C MET A 164 -0.80 -7.73 19.61
N VAL A 165 -1.11 -9.02 19.81
CA VAL A 165 -2.44 -9.61 19.45
C VAL A 165 -3.53 -8.88 20.24
N TYR A 166 -3.46 -8.90 21.57
CA TYR A 166 -4.47 -8.33 22.50
C TYR A 166 -4.56 -6.81 22.30
N ASP A 167 -3.43 -6.15 22.03
CA ASP A 167 -3.33 -4.69 21.79
C ASP A 167 -4.18 -4.32 20.57
N MET A 168 -3.98 -5.02 19.46
CA MET A 168 -4.64 -4.72 18.16
C MET A 168 -6.14 -5.07 18.25
N TYR A 169 -6.49 -6.23 18.82
CA TYR A 169 -7.88 -6.71 19.00
C TYR A 169 -8.71 -5.71 19.83
N SER A 170 -8.11 -5.11 20.87
CA SER A 170 -8.75 -4.11 21.78
C SER A 170 -9.22 -2.88 20.98
N THR A 171 -8.45 -2.45 19.98
CA THR A 171 -8.77 -1.29 19.11
C THR A 171 -10.19 -1.46 18.54
N PHE A 172 -10.53 -2.67 18.08
CA PHE A 172 -11.81 -2.98 17.39
C PHE A 172 -12.89 -3.42 18.38
N GLY A 173 -12.57 -3.44 19.68
CA GLY A 173 -13.51 -3.76 20.77
C GLY A 173 -13.64 -5.25 21.03
N PHE A 174 -12.58 -6.02 20.75
CA PHE A 174 -12.52 -7.49 20.96
C PHE A 174 -11.69 -7.80 22.20
N GLU A 175 -12.36 -8.07 23.34
CA GLU A 175 -11.75 -8.30 24.68
C GLU A 175 -11.93 -9.76 25.12
N LYS A 176 -12.80 -10.52 24.46
CA LYS A 176 -13.03 -11.97 24.77
C LYS A 176 -12.22 -12.81 23.77
N ILE A 177 -11.02 -13.24 24.19
CA ILE A 177 -10.07 -14.03 23.35
C ILE A 177 -9.88 -15.42 23.97
N VAL A 178 -10.14 -16.48 23.19
CA VAL A 178 -9.84 -17.89 23.55
C VAL A 178 -8.50 -18.26 22.92
N VAL A 179 -7.59 -18.85 23.70
CA VAL A 179 -6.20 -19.19 23.28
C VAL A 179 -6.02 -20.71 23.35
N LYS A 180 -5.35 -21.28 22.36
CA LYS A 180 -5.14 -22.75 22.22
C LYS A 180 -3.69 -23.00 21.78
N LEU A 181 -2.92 -23.74 22.60
CA LEU A 181 -1.53 -24.16 22.32
C LEU A 181 -1.57 -25.58 21.76
N SER A 182 -1.22 -25.74 20.47
CA SER A 182 -1.20 -27.04 19.77
C SER A 182 0.17 -27.71 19.96
N THR A 183 0.18 -28.95 20.43
CA THR A 183 1.39 -29.68 20.90
C THR A 183 1.85 -30.70 19.84
N ARG A 184 3.03 -31.28 20.06
CA ARG A 184 3.76 -32.17 19.12
C ARG A 184 2.80 -33.15 18.44
N PRO A 185 2.76 -33.18 17.08
CA PRO A 185 2.02 -34.22 16.35
C PRO A 185 2.80 -35.54 16.30
N ASP A 186 2.11 -36.65 16.01
CA ASP A 186 2.70 -38.02 15.96
C ASP A 186 3.89 -38.03 15.00
N LYS A 187 3.74 -37.45 13.81
CA LYS A 187 4.82 -37.29 12.80
C LYS A 187 5.37 -35.87 12.90
N ARG A 188 6.59 -35.73 13.44
CA ARG A 188 7.23 -34.42 13.73
C ARG A 188 8.72 -34.47 13.39
N ILE A 189 9.33 -33.31 13.15
CA ILE A 189 10.80 -33.17 13.00
C ILE A 189 11.36 -32.72 14.35
N GLY A 190 12.63 -33.03 14.64
CA GLY A 190 13.33 -32.55 15.84
C GLY A 190 13.18 -33.51 17.00
N SER A 191 14.03 -33.33 18.02
CA SER A 191 14.08 -34.16 19.26
C SER A 191 12.84 -33.87 20.11
N ASP A 192 12.51 -34.78 21.04
CA ASP A 192 11.43 -34.58 22.03
C ASP A 192 11.81 -33.42 22.96
N GLU A 193 13.11 -33.29 23.29
CA GLU A 193 13.66 -32.22 24.16
C GLU A 193 13.41 -30.85 23.50
N MET A 194 13.67 -30.74 22.19
CA MET A 194 13.43 -29.52 21.38
C MET A 194 11.95 -29.12 21.49
N TRP A 195 11.05 -30.10 21.42
CA TRP A 195 9.58 -29.91 21.51
C TRP A 195 9.17 -29.53 22.94
N ASP A 196 9.78 -30.16 23.95
CA ASP A 196 9.56 -29.84 25.39
C ASP A 196 9.86 -28.35 25.62
N ARG A 197 11.03 -27.88 25.17
CA ARG A 197 11.51 -26.48 25.29
C ARG A 197 10.58 -25.54 24.51
N ALA A 198 10.26 -25.88 23.25
CA ALA A 198 9.44 -25.05 22.33
C ALA A 198 8.04 -24.87 22.90
N GLU A 199 7.37 -25.96 23.27
CA GLU A 199 6.01 -25.94 23.88
C GLU A 199 6.05 -25.12 25.19
N ALA A 200 7.12 -25.29 25.98
CA ALA A 200 7.37 -24.56 27.24
C ALA A 200 7.50 -23.06 26.94
N ASP A 201 8.25 -22.71 25.89
CA ASP A 201 8.51 -21.31 25.46
C ASP A 201 7.17 -20.61 25.18
N LEU A 202 6.26 -21.28 24.49
CA LEU A 202 4.91 -20.73 24.17
C LEU A 202 4.09 -20.63 25.47
N ALA A 203 4.15 -21.66 26.32
CA ALA A 203 3.40 -21.77 27.60
C ALA A 203 3.82 -20.65 28.55
N VAL A 204 5.13 -20.52 28.80
CA VAL A 204 5.73 -19.51 29.72
C VAL A 204 5.37 -18.11 29.21
N ALA A 205 5.46 -17.88 27.89
CA ALA A 205 5.14 -16.58 27.24
C ALA A 205 3.69 -16.19 27.57
N LEU A 206 2.76 -17.15 27.52
CA LEU A 206 1.33 -16.90 27.83
C LEU A 206 1.16 -16.67 29.34
N GLU A 207 1.89 -17.43 30.18
CA GLU A 207 1.93 -17.28 31.66
C GLU A 207 2.47 -15.88 32.03
N GLU A 208 3.53 -15.44 31.36
CA GLU A 208 4.20 -14.12 31.59
C GLU A 208 3.24 -12.97 31.25
N ASN A 209 2.23 -13.22 30.41
CA ASN A 209 1.20 -12.22 30.02
C ASN A 209 -0.10 -12.46 30.79
N ASN A 210 -0.10 -13.42 31.73
CA ASN A 210 -1.24 -13.72 32.62
C ASN A 210 -2.45 -14.12 31.76
N ILE A 211 -2.22 -14.95 30.74
CA ILE A 211 -3.26 -15.42 29.77
C ILE A 211 -3.60 -16.86 30.10
N PRO A 212 -4.84 -17.16 30.58
CA PRO A 212 -5.31 -18.54 30.66
C PRO A 212 -5.61 -19.08 29.25
N PHE A 213 -5.14 -20.29 28.95
CA PHE A 213 -5.34 -20.99 27.65
C PHE A 213 -5.67 -22.47 27.91
N GLU A 214 -5.75 -23.25 26.83
CA GLU A 214 -5.98 -24.72 26.86
C GLU A 214 -5.18 -25.38 25.72
N TYR A 215 -5.03 -26.71 25.78
CA TYR A 215 -4.23 -27.49 24.81
C TYR A 215 -5.13 -28.03 23.70
N GLN A 216 -4.63 -27.99 22.46
CA GLN A 216 -5.08 -28.85 21.33
C GLN A 216 -4.00 -29.91 21.10
N LEU A 217 -4.19 -31.09 21.70
CA LEU A 217 -3.15 -32.14 21.83
C LEU A 217 -2.85 -32.75 20.46
N GLY A 218 -1.57 -32.79 20.07
CA GLY A 218 -1.08 -33.40 18.82
C GLY A 218 -1.58 -32.68 17.57
N GLU A 219 -2.04 -31.44 17.70
CA GLU A 219 -2.66 -30.65 16.59
C GLU A 219 -1.63 -29.66 16.03
N GLY A 220 -0.40 -29.65 16.57
CA GLY A 220 0.70 -28.78 16.11
C GLY A 220 1.23 -29.23 14.76
N ALA A 221 1.87 -28.33 14.01
CA ALA A 221 2.54 -28.61 12.71
C ALA A 221 3.78 -29.48 12.96
N PHE A 222 4.29 -30.14 11.92
CA PHE A 222 5.42 -31.11 12.03
C PHE A 222 6.72 -30.36 12.34
N TYR A 223 6.78 -29.05 12.07
CA TYR A 223 8.01 -28.20 12.18
C TYR A 223 7.98 -27.36 13.47
N GLY A 224 6.94 -27.50 14.31
CA GLY A 224 6.92 -26.87 15.65
C GLY A 224 5.51 -26.59 16.17
N PRO A 225 5.38 -26.26 17.47
CA PRO A 225 4.07 -25.98 18.07
C PRO A 225 3.61 -24.56 17.77
N LYS A 226 2.32 -24.27 17.99
CA LYS A 226 1.69 -22.97 17.65
C LYS A 226 0.71 -22.54 18.75
N ILE A 227 0.55 -21.22 18.92
CA ILE A 227 -0.57 -20.59 19.67
C ILE A 227 -1.57 -20.08 18.62
N GLU A 228 -2.86 -20.33 18.83
CA GLU A 228 -3.96 -19.80 17.98
C GLU A 228 -4.91 -18.98 18.84
N PHE A 229 -5.22 -17.76 18.39
CA PHE A 229 -6.10 -16.77 19.07
C PHE A 229 -7.45 -16.72 18.36
N THR A 230 -8.52 -17.02 19.10
CA THR A 230 -9.94 -16.95 18.64
C THR A 230 -10.60 -15.76 19.36
N LEU A 231 -11.14 -14.81 18.60
CA LEU A 231 -11.86 -13.62 19.14
C LEU A 231 -13.37 -13.85 19.03
N TYR A 232 -14.14 -13.18 19.90
CA TYR A 232 -15.63 -13.23 19.93
C TYR A 232 -16.18 -11.83 19.65
N ASP A 233 -17.03 -11.72 18.62
CA ASP A 233 -17.70 -10.46 18.20
C ASP A 233 -18.83 -10.15 19.18
N CYS A 234 -19.65 -9.12 18.88
CA CYS A 234 -20.76 -8.64 19.76
C CYS A 234 -21.91 -9.67 19.78
N LEU A 235 -21.99 -10.55 18.76
CA LEU A 235 -22.96 -11.68 18.68
C LEU A 235 -22.38 -12.92 19.37
N ASP A 236 -21.20 -12.81 20.01
CA ASP A 236 -20.49 -13.91 20.71
C ASP A 236 -20.20 -15.06 19.74
N ARG A 237 -19.91 -14.73 18.47
CA ARG A 237 -19.49 -15.71 17.43
C ARG A 237 -17.95 -15.79 17.44
N ALA A 238 -17.41 -17.00 17.38
CA ALA A 238 -15.96 -17.30 17.47
C ALA A 238 -15.32 -17.17 16.08
N TRP A 239 -14.23 -16.40 15.99
CA TRP A 239 -13.42 -16.21 14.76
C TRP A 239 -11.94 -16.50 15.08
N GLN A 240 -11.38 -17.57 14.51
CA GLN A 240 -9.92 -17.85 14.58
C GLN A 240 -9.22 -16.90 13.59
N CYS A 241 -8.42 -15.97 14.11
CA CYS A 241 -7.71 -14.91 13.34
C CYS A 241 -6.21 -14.99 13.59
N GLY A 242 -5.81 -14.85 14.86
CA GLY A 242 -4.41 -14.75 15.29
C GLY A 242 -3.73 -16.11 15.33
N THR A 243 -2.44 -16.15 14.98
CA THR A 243 -1.58 -17.36 15.02
C THR A 243 -0.13 -16.93 15.24
N VAL A 244 0.56 -17.62 16.15
CA VAL A 244 2.03 -17.52 16.38
C VAL A 244 2.57 -18.94 16.24
N GLN A 245 3.34 -19.21 15.18
CA GLN A 245 3.78 -20.58 14.81
C GLN A 245 5.31 -20.65 14.82
N LEU A 246 5.88 -21.57 15.60
CA LEU A 246 7.34 -21.83 15.65
C LEU A 246 7.73 -22.76 14.50
N ASP A 247 8.90 -22.53 13.90
CA ASP A 247 9.41 -23.29 12.72
C ASP A 247 10.90 -23.58 12.93
N PHE A 248 11.24 -24.86 13.10
CA PHE A 248 12.63 -25.36 13.29
C PHE A 248 13.11 -26.05 12.01
N SER A 249 12.35 -25.92 10.92
CA SER A 249 12.57 -26.63 9.63
C SER A 249 12.97 -25.65 8.52
N LEU A 250 12.09 -24.70 8.18
CA LEU A 250 12.18 -23.88 6.94
C LEU A 250 13.53 -23.15 6.86
N PRO A 251 14.03 -22.49 7.94
CA PRO A 251 15.34 -21.85 7.90
C PRO A 251 16.43 -22.77 7.33
N SER A 252 16.54 -23.99 7.87
CA SER A 252 17.53 -25.02 7.48
C SER A 252 17.33 -25.43 6.02
N ARG A 253 16.07 -25.72 5.63
CA ARG A 253 15.70 -26.14 4.26
C ARG A 253 16.21 -25.13 3.23
N LEU A 254 16.05 -23.82 3.50
CA LEU A 254 16.39 -22.70 2.58
C LEU A 254 17.75 -22.09 2.94
N SER A 255 18.58 -22.83 3.70
CA SER A 255 20.01 -22.53 3.98
C SER A 255 20.17 -21.16 4.65
N ALA A 256 19.32 -20.87 5.64
CA ALA A 256 19.38 -19.63 6.46
C ALA A 256 20.36 -19.85 7.61
N SER A 257 21.26 -18.90 7.85
CA SER A 257 22.32 -18.97 8.88
C SER A 257 22.75 -17.58 9.33
N TYR A 258 23.36 -17.49 10.51
CA TYR A 258 24.01 -16.28 11.06
C TYR A 258 25.29 -16.70 11.80
N VAL A 259 26.18 -15.73 12.04
CA VAL A 259 27.45 -15.92 12.83
C VAL A 259 27.14 -15.63 14.31
N GLY A 260 27.29 -16.63 15.17
CA GLY A 260 27.04 -16.52 16.62
C GLY A 260 28.09 -15.66 17.30
N GLU A 261 28.02 -15.56 18.64
CA GLU A 261 29.00 -14.82 19.48
C GLU A 261 30.30 -15.63 19.60
N ASP A 262 30.23 -16.95 19.42
CA ASP A 262 31.40 -17.87 19.44
C ASP A 262 31.96 -18.06 18.02
N ASN A 263 31.37 -17.38 17.03
CA ASN A 263 31.82 -17.33 15.61
C ASN A 263 31.38 -18.60 14.86
N GLU A 264 30.54 -19.44 15.49
CA GLU A 264 30.02 -20.69 14.88
C GLU A 264 28.78 -20.37 14.05
N ARG A 265 28.72 -20.86 12.81
CA ARG A 265 27.57 -20.69 11.88
C ARG A 265 26.38 -21.47 12.43
N LYS A 266 25.32 -20.77 12.83
CA LYS A 266 24.10 -21.36 13.45
C LYS A 266 22.90 -21.11 12.55
N VAL A 267 21.83 -21.91 12.71
CA VAL A 267 20.55 -21.78 11.97
C VAL A 267 19.57 -20.99 12.85
N PRO A 268 18.96 -19.90 12.35
CA PRO A 268 18.01 -19.13 13.14
C PRO A 268 16.69 -19.89 13.32
N VAL A 269 16.04 -19.69 14.47
CA VAL A 269 14.63 -20.11 14.71
C VAL A 269 13.74 -19.10 13.99
N MET A 270 12.67 -19.57 13.35
CA MET A 270 11.68 -18.70 12.66
C MET A 270 10.36 -18.76 13.44
N ILE A 271 9.77 -17.59 13.69
CA ILE A 271 8.40 -17.46 14.25
C ILE A 271 7.50 -16.87 13.16
N HIS A 272 6.50 -17.64 12.72
CA HIS A 272 5.42 -17.17 11.82
C HIS A 272 4.35 -16.52 12.70
N ARG A 273 3.90 -15.32 12.36
CA ARG A 273 2.86 -14.61 13.15
C ARG A 273 1.97 -13.80 12.21
N ALA A 274 0.66 -13.93 12.42
CA ALA A 274 -0.41 -13.13 11.79
C ALA A 274 -1.44 -12.83 12.88
N ILE A 275 -1.84 -11.56 13.04
CA ILE A 275 -2.74 -11.13 14.14
C ILE A 275 -4.17 -11.04 13.61
N LEU A 276 -4.39 -10.22 12.56
CA LEU A 276 -5.69 -10.09 11.87
C LEU A 276 -5.93 -11.34 11.01
N GLY A 277 -4.85 -11.92 10.47
CA GLY A 277 -4.87 -13.16 9.66
C GLY A 277 -5.02 -12.83 8.19
N SER A 278 -6.26 -12.76 7.71
CA SER A 278 -6.64 -12.26 6.36
C SER A 278 -7.28 -10.87 6.52
N MET A 279 -6.71 -9.85 5.87
CA MET A 279 -7.21 -8.46 5.90
C MET A 279 -8.65 -8.46 5.35
N GLU A 280 -8.89 -9.21 4.28
CA GLU A 280 -10.21 -9.36 3.63
C GLU A 280 -11.21 -9.92 4.65
N ARG A 281 -10.88 -11.05 5.27
CA ARG A 281 -11.77 -11.71 6.27
C ARG A 281 -12.02 -10.77 7.44
N PHE A 282 -10.98 -10.09 7.93
CA PHE A 282 -11.07 -9.22 9.13
C PHE A 282 -11.96 -8.01 8.83
N ILE A 283 -11.86 -7.44 7.63
CA ILE A 283 -12.79 -6.37 7.15
C ILE A 283 -14.20 -6.97 7.12
N GLY A 284 -14.34 -8.18 6.57
CA GLY A 284 -15.60 -8.95 6.63
C GLY A 284 -16.17 -8.98 8.03
N ILE A 285 -15.35 -9.40 9.01
CA ILE A 285 -15.75 -9.55 10.44
C ILE A 285 -16.16 -8.18 11.00
N LEU A 286 -15.33 -7.15 10.83
CA LEU A 286 -15.59 -5.76 11.30
C LEU A 286 -16.93 -5.26 10.75
N THR A 287 -17.18 -5.47 9.45
CA THR A 287 -18.43 -5.05 8.75
C THR A 287 -19.63 -5.54 9.57
N GLU A 288 -19.73 -6.85 9.79
CA GLU A 288 -20.85 -7.51 10.54
C GLU A 288 -20.83 -7.06 12.00
N GLU A 289 -19.64 -6.96 12.61
CA GLU A 289 -19.45 -6.53 14.03
C GLU A 289 -20.11 -5.17 14.26
N PHE A 290 -19.80 -4.19 13.41
CA PHE A 290 -20.27 -2.78 13.52
C PHE A 290 -21.56 -2.57 12.73
N ALA A 291 -21.93 -3.55 11.89
CA ALA A 291 -23.15 -3.54 11.04
C ALA A 291 -23.13 -2.32 10.11
N GLY A 292 -21.95 -1.98 9.57
CA GLY A 292 -21.75 -0.88 8.62
C GLY A 292 -21.34 0.43 9.31
N PHE A 293 -21.54 0.52 10.63
CA PHE A 293 -21.22 1.72 11.45
C PHE A 293 -19.75 1.68 11.87
N PHE A 294 -18.85 1.71 10.88
CA PHE A 294 -17.37 1.68 11.05
C PHE A 294 -16.95 2.85 11.94
N PRO A 295 -16.06 2.64 12.94
CA PRO A 295 -15.52 3.74 13.73
C PRO A 295 -14.97 4.86 12.82
N THR A 296 -15.04 6.11 13.27
CA THR A 296 -14.77 7.33 12.47
C THR A 296 -13.47 7.14 11.68
N TRP A 297 -12.41 6.65 12.31
CA TRP A 297 -11.06 6.51 11.72
C TRP A 297 -11.08 5.55 10.52
N LEU A 298 -12.02 4.60 10.50
CA LEU A 298 -12.16 3.57 9.42
C LEU A 298 -13.18 4.01 8.36
N ALA A 299 -14.12 4.89 8.71
CA ALA A 299 -15.26 5.31 7.86
C ALA A 299 -14.76 5.80 6.50
N PRO A 300 -15.31 5.30 5.36
CA PRO A 300 -14.88 5.74 4.03
C PRO A 300 -15.04 7.27 3.85
N VAL A 301 -16.17 7.81 4.32
CA VAL A 301 -16.44 9.27 4.44
C VAL A 301 -16.78 9.56 5.91
N GLN A 302 -16.01 10.43 6.55
CA GLN A 302 -16.04 10.66 8.02
C GLN A 302 -17.02 11.80 8.37
N VAL A 303 -17.13 12.79 7.48
CA VAL A 303 -17.97 14.01 7.67
C VAL A 303 -18.57 14.40 6.33
N VAL A 304 -19.87 14.70 6.29
CA VAL A 304 -20.53 15.39 5.15
C VAL A 304 -20.98 16.77 5.66
N VAL A 305 -20.37 17.84 5.17
CA VAL A 305 -20.78 19.25 5.46
C VAL A 305 -21.92 19.58 4.50
N MET A 306 -23.05 20.06 5.02
CA MET A 306 -24.31 20.27 4.23
C MET A 306 -24.97 21.57 4.65
N ASN A 307 -25.54 22.30 3.67
CA ASN A 307 -26.29 23.56 3.87
C ASN A 307 -27.79 23.25 3.92
N ILE A 308 -28.55 24.07 4.63
CA ILE A 308 -30.05 24.02 4.64
C ILE A 308 -30.54 24.64 3.33
N THR A 309 -30.16 25.90 3.04
CA THR A 309 -30.51 26.63 1.79
C THR A 309 -29.23 27.01 1.04
N ASP A 310 -29.37 27.56 -0.16
CA ASP A 310 -28.26 28.04 -1.03
C ASP A 310 -27.49 29.16 -0.32
N SER A 311 -28.11 29.86 0.64
CA SER A 311 -27.55 31.03 1.36
C SER A 311 -26.27 30.67 2.12
N GLN A 312 -26.07 29.39 2.50
CA GLN A 312 -24.91 28.94 3.31
C GLN A 312 -23.88 28.19 2.44
N SER A 313 -24.03 28.22 1.10
CA SER A 313 -23.20 27.44 0.15
C SER A 313 -21.70 27.73 0.34
N GLU A 314 -21.34 28.99 0.58
CA GLU A 314 -19.93 29.45 0.65
C GLU A 314 -19.36 29.22 2.05
N TYR A 315 -20.22 29.22 3.07
CA TYR A 315 -19.83 28.83 4.46
C TYR A 315 -19.44 27.36 4.47
N VAL A 316 -20.22 26.52 3.76
CA VAL A 316 -19.99 25.04 3.64
C VAL A 316 -18.65 24.80 2.97
N ASN A 317 -18.38 25.49 1.84
CA ASN A 317 -17.14 25.35 1.04
C ASN A 317 -15.92 25.70 1.91
N GLU A 318 -15.97 26.80 2.66
CA GLU A 318 -14.88 27.23 3.58
C GLU A 318 -14.70 26.17 4.66
N LEU A 319 -15.81 25.67 5.22
CA LEU A 319 -15.81 24.70 6.35
C LEU A 319 -15.28 23.34 5.86
N THR A 320 -15.66 22.95 4.64
CA THR A 320 -15.22 21.69 3.99
C THR A 320 -13.70 21.75 3.76
N GLN A 321 -13.20 22.91 3.35
CA GLN A 321 -11.75 23.16 3.08
C GLN A 321 -10.96 23.03 4.39
N LYS A 322 -11.48 23.58 5.50
CA LYS A 322 -10.82 23.51 6.83
C LYS A 322 -10.67 22.05 7.26
N LEU A 323 -11.75 21.26 7.14
CA LEU A 323 -11.79 19.82 7.51
C LEU A 323 -10.84 19.04 6.61
N GLN A 324 -10.80 19.38 5.32
CA GLN A 324 -9.86 18.82 4.32
C GLN A 324 -8.42 19.02 4.83
N ASN A 325 -8.07 20.27 5.16
CA ASN A 325 -6.72 20.70 5.63
C ASN A 325 -6.37 20.01 6.97
N ALA A 326 -7.37 19.69 7.78
CA ALA A 326 -7.23 18.97 9.07
C ALA A 326 -6.97 17.47 8.82
N GLY A 327 -7.14 17.01 7.59
CA GLY A 327 -6.82 15.64 7.15
C GLY A 327 -8.03 14.71 7.23
N ILE A 328 -9.21 15.25 7.51
CA ILE A 328 -10.49 14.47 7.65
C ILE A 328 -11.05 14.18 6.25
N ARG A 329 -11.50 12.93 6.03
CA ARG A 329 -12.19 12.52 4.77
C ARG A 329 -13.58 13.14 4.76
N VAL A 330 -13.72 14.31 4.12
CA VAL A 330 -14.94 15.17 4.18
C VAL A 330 -15.47 15.37 2.75
N LYS A 331 -16.80 15.31 2.61
CA LYS A 331 -17.53 15.66 1.36
C LYS A 331 -18.51 16.78 1.67
N ALA A 332 -18.79 17.63 0.67
CA ALA A 332 -19.82 18.70 0.74
C ALA A 332 -21.08 18.20 0.04
N ASP A 333 -22.24 18.37 0.67
CA ASP A 333 -23.59 18.10 0.09
C ASP A 333 -24.26 19.46 -0.13
N LEU A 334 -24.12 20.02 -1.33
CA LEU A 334 -24.68 21.35 -1.72
C LEU A 334 -25.83 21.14 -2.73
N ARG A 335 -26.41 19.93 -2.75
CA ARG A 335 -27.53 19.56 -3.66
C ARG A 335 -28.79 20.35 -3.30
N ASN A 336 -29.67 20.54 -4.29
CA ASN A 336 -30.99 21.22 -4.14
C ASN A 336 -31.99 20.22 -3.57
N GLU A 337 -31.80 19.83 -2.30
CA GLU A 337 -32.66 18.86 -1.56
C GLU A 337 -32.90 19.40 -0.15
N LYS A 338 -34.00 18.99 0.49
CA LYS A 338 -34.32 19.32 1.91
C LYS A 338 -33.23 18.72 2.80
N ILE A 339 -32.98 19.31 3.98
CA ILE A 339 -31.90 18.88 4.91
C ILE A 339 -32.18 17.46 5.41
N GLY A 340 -33.45 17.14 5.65
CA GLY A 340 -33.91 15.81 6.10
C GLY A 340 -33.58 14.72 5.08
N PHE A 341 -33.68 15.04 3.78
CA PHE A 341 -33.31 14.14 2.65
C PHE A 341 -31.81 13.85 2.71
N LYS A 342 -30.99 14.90 2.84
CA LYS A 342 -29.50 14.83 2.90
C LYS A 342 -29.08 13.97 4.09
N ILE A 343 -29.60 14.29 5.29
CA ILE A 343 -29.34 13.55 6.55
C ILE A 343 -29.72 12.07 6.35
N ARG A 344 -30.92 11.81 5.82
CA ARG A 344 -31.47 10.45 5.59
C ARG A 344 -30.50 9.63 4.72
N GLU A 345 -30.04 10.21 3.61
CA GLU A 345 -29.19 9.51 2.61
C GLU A 345 -27.82 9.17 3.21
N HIS A 346 -27.19 10.11 3.90
CA HIS A 346 -25.81 9.97 4.45
C HIS A 346 -25.84 9.13 5.73
N THR A 347 -26.95 9.15 6.47
CA THR A 347 -27.21 8.24 7.63
C THR A 347 -27.24 6.79 7.12
N LEU A 348 -27.99 6.54 6.04
CA LEU A 348 -28.10 5.20 5.39
C LEU A 348 -26.72 4.73 4.95
N ARG A 349 -25.85 5.63 4.47
CA ARG A 349 -24.49 5.32 3.98
C ARG A 349 -23.49 5.26 5.16
N ARG A 350 -23.95 5.52 6.38
CA ARG A 350 -23.21 5.30 7.66
C ARG A 350 -22.05 6.30 7.78
N VAL A 351 -22.26 7.56 7.37
CA VAL A 351 -21.31 8.68 7.60
C VAL A 351 -21.37 9.03 9.09
N PRO A 352 -20.26 8.91 9.86
CA PRO A 352 -20.28 9.19 11.28
C PRO A 352 -20.94 10.53 11.66
N TYR A 353 -20.55 11.61 10.97
CA TYR A 353 -20.93 13.00 11.33
C TYR A 353 -21.45 13.76 10.11
N MET A 354 -22.55 14.50 10.31
CA MET A 354 -23.14 15.40 9.28
C MET A 354 -23.21 16.81 9.89
N LEU A 355 -22.30 17.69 9.43
CA LEU A 355 -22.15 19.08 9.93
C LEU A 355 -23.14 19.98 9.18
N VAL A 356 -24.29 20.24 9.81
CA VAL A 356 -25.43 21.00 9.22
C VAL A 356 -25.19 22.50 9.44
N CYS A 357 -25.19 23.28 8.35
CA CYS A 357 -24.96 24.75 8.35
C CYS A 357 -26.24 25.48 7.90
N GLY A 358 -26.91 26.13 8.86
CA GLY A 358 -28.05 27.04 8.61
C GLY A 358 -27.64 28.48 8.83
N ASP A 359 -28.58 29.43 8.67
CA ASP A 359 -28.33 30.89 8.80
C ASP A 359 -27.73 31.20 10.18
N LYS A 360 -28.28 30.61 11.24
CA LYS A 360 -27.86 30.88 12.65
C LYS A 360 -26.44 30.36 12.89
N GLU A 361 -26.06 29.25 12.25
CA GLU A 361 -24.71 28.64 12.37
C GLU A 361 -23.68 29.57 11.72
N VAL A 362 -24.01 30.13 10.54
CA VAL A 362 -23.11 31.02 9.74
C VAL A 362 -22.83 32.30 10.55
N GLU A 363 -23.89 32.93 11.06
CA GLU A 363 -23.86 34.25 11.75
C GLU A 363 -23.02 34.16 13.03
N ALA A 364 -22.99 33.00 13.68
CA ALA A 364 -22.27 32.75 14.96
C ALA A 364 -20.87 32.18 14.69
N GLY A 365 -20.58 31.75 13.46
CA GLY A 365 -19.32 31.08 13.08
C GLY A 365 -19.24 29.70 13.71
N LYS A 366 -20.37 28.98 13.76
CA LYS A 366 -20.54 27.68 14.44
C LYS A 366 -21.03 26.63 13.43
N VAL A 367 -21.33 25.42 13.90
CA VAL A 367 -21.86 24.31 13.06
C VAL A 367 -22.70 23.38 13.94
N ALA A 368 -23.82 22.89 13.40
CA ALA A 368 -24.72 21.93 14.08
C ALA A 368 -24.32 20.51 13.69
N VAL A 369 -23.91 19.70 14.67
CA VAL A 369 -23.39 18.31 14.45
C VAL A 369 -24.51 17.31 14.74
N ARG A 370 -24.86 16.49 13.74
CA ARG A 370 -25.77 15.33 13.88
C ARG A 370 -24.98 14.04 13.63
N THR A 371 -25.14 13.03 14.49
CA THR A 371 -24.48 11.71 14.37
C THR A 371 -25.38 10.79 13.53
N ARG A 372 -24.81 9.73 12.95
CA ARG A 372 -25.53 8.75 12.10
C ARG A 372 -26.51 7.92 12.96
N ARG A 373 -26.30 7.89 14.28
CA ARG A 373 -27.23 7.26 15.25
C ARG A 373 -28.50 8.13 15.38
N GLY A 374 -28.40 9.41 15.04
CA GLY A 374 -29.52 10.37 15.04
C GLY A 374 -29.43 11.38 16.18
N LYS A 375 -28.38 11.29 17.00
CA LYS A 375 -28.12 12.21 18.14
C LYS A 375 -27.88 13.64 17.60
N ASP A 376 -28.32 14.65 18.35
CA ASP A 376 -28.03 16.09 18.08
C ASP A 376 -27.10 16.62 19.18
N LEU A 377 -25.89 17.01 18.82
CA LEU A 377 -24.85 17.52 19.76
C LEU A 377 -24.95 19.04 19.88
N GLY A 378 -25.92 19.66 19.21
CA GLY A 378 -26.18 21.11 19.24
C GLY A 378 -25.22 21.88 18.34
N SER A 379 -25.23 23.21 18.47
CA SER A 379 -24.31 24.14 17.74
C SER A 379 -23.01 24.30 18.54
N LEU A 380 -21.87 23.99 17.92
CA LEU A 380 -20.52 24.07 18.54
C LEU A 380 -19.63 24.99 17.70
N ASP A 381 -18.54 25.49 18.29
CA ASP A 381 -17.47 26.25 17.57
C ASP A 381 -16.83 25.34 16.53
N VAL A 382 -16.58 25.87 15.32
CA VAL A 382 -16.02 25.12 14.15
C VAL A 382 -14.69 24.48 14.55
N ASN A 383 -13.78 25.25 15.14
CA ASN A 383 -12.38 24.82 15.46
C ASN A 383 -12.40 23.74 16.54
N ASP A 384 -13.18 23.96 17.61
N ASP A 384 -13.18 23.96 17.61
CA ASP A 384 -13.34 23.00 18.75
CA ASP A 384 -13.35 23.01 18.75
C ASP A 384 -13.83 21.65 18.22
C ASP A 384 -13.83 21.66 18.22
N VAL A 385 -14.73 21.67 17.23
CA VAL A 385 -15.29 20.43 16.60
C VAL A 385 -14.19 19.71 15.82
N ILE A 386 -13.44 20.43 14.98
CA ILE A 386 -12.35 19.85 14.13
C ILE A 386 -11.35 19.17 15.05
N GLU A 387 -10.90 19.86 16.10
CA GLU A 387 -9.94 19.36 17.11
C GLU A 387 -10.46 18.04 17.70
N LYS A 388 -11.76 17.98 18.01
CA LYS A 388 -12.42 16.80 18.64
C LYS A 388 -12.47 15.63 17.63
N LEU A 389 -12.78 15.91 16.36
CA LEU A 389 -12.82 14.88 15.29
C LEU A 389 -11.41 14.33 15.03
N GLN A 390 -10.40 15.21 15.05
CA GLN A 390 -8.97 14.84 14.89
C GLN A 390 -8.54 13.90 16.02
N GLN A 391 -8.92 14.23 17.27
CA GLN A 391 -8.65 13.40 18.48
C GLN A 391 -9.31 12.02 18.33
N GLU A 392 -10.55 11.99 17.84
CA GLU A 392 -11.34 10.74 17.66
C GLU A 392 -10.68 9.86 16.59
N ILE A 393 -10.09 10.48 15.56
CA ILE A 393 -9.41 9.77 14.43
C ILE A 393 -8.01 9.33 14.89
N ARG A 394 -7.21 10.26 15.44
CA ARG A 394 -5.82 10.00 15.90
C ARG A 394 -5.79 8.85 16.91
N SER A 395 -6.75 8.83 17.85
CA SER A 395 -6.84 7.84 18.96
C SER A 395 -7.56 6.56 18.50
N ARG A 396 -8.11 6.55 17.28
CA ARG A 396 -8.88 5.42 16.68
C ARG A 396 -9.97 4.96 17.65
N SER A 397 -10.72 5.91 18.22
CA SER A 397 -11.78 5.68 19.23
C SER A 397 -12.95 4.88 18.62
N LEU A 398 -13.53 3.97 19.39
CA LEU A 398 -14.68 3.13 18.98
C LEU A 398 -15.97 3.96 19.03
N GLN A 399 -16.04 4.92 19.97
CA GLN A 399 -17.27 5.70 20.29
C GLN A 399 -17.18 7.09 19.67
N GLN A 400 -18.34 7.72 19.44
CA GLN A 400 -18.47 9.04 18.78
C GLN A 400 -18.49 10.13 19.86
N LEU A 401 -18.53 11.40 19.43
CA LEU A 401 -18.47 12.60 20.31
C LEU A 401 -19.68 12.64 21.23
N GLU A 402 -19.49 13.03 22.49
CA GLU A 402 -20.53 13.10 23.55
C GLU A 402 -20.96 14.56 23.74
N GLU A 403 -22.26 14.80 23.91
CA GLU A 403 -22.87 16.13 24.18
C GLU A 403 -22.54 17.09 23.03
N GLY B 2 30.48 5.47 -9.92
CA GLY B 2 29.32 5.42 -10.86
C GLY B 2 28.00 5.55 -10.14
N ARG B 3 26.88 5.27 -10.82
CA ARG B 3 25.51 5.45 -10.30
C ARG B 3 24.59 4.33 -10.77
N ASP B 4 25.09 3.08 -10.82
CA ASP B 4 24.28 1.88 -11.18
C ASP B 4 23.25 1.62 -10.06
N HIS B 5 21.97 1.58 -10.40
CA HIS B 5 20.85 1.32 -9.45
C HIS B 5 21.00 -0.08 -8.83
N ARG B 6 21.61 -1.01 -9.55
CA ARG B 6 21.89 -2.40 -9.08
C ARG B 6 22.90 -2.35 -7.93
N LYS B 7 23.95 -1.54 -8.10
CA LYS B 7 25.05 -1.35 -7.11
C LYS B 7 24.51 -0.58 -5.90
N ILE B 8 23.85 0.54 -6.14
CA ILE B 8 23.27 1.41 -5.08
C ILE B 8 22.18 0.61 -4.34
N GLY B 9 21.38 -0.16 -5.09
CA GLY B 9 20.33 -1.06 -4.55
C GLY B 9 20.88 -2.00 -3.49
N LYS B 10 22.06 -2.58 -3.74
CA LYS B 10 22.75 -3.53 -2.81
C LYS B 10 23.38 -2.74 -1.67
N GLN B 11 24.10 -1.66 -1.99
CA GLN B 11 24.86 -0.81 -1.02
C GLN B 11 23.94 -0.30 0.09
N LEU B 12 22.75 0.23 -0.26
CA LEU B 12 21.82 0.84 0.73
C LEU B 12 20.69 -0.14 1.08
N ASP B 13 20.84 -1.42 0.74
CA ASP B 13 19.91 -2.53 1.12
C ASP B 13 18.48 -2.14 0.75
N LEU B 14 18.26 -1.75 -0.51
CA LEU B 14 16.95 -1.27 -1.02
C LEU B 14 16.16 -2.45 -1.61
N TYR B 15 16.83 -3.28 -2.42
CA TYR B 15 16.17 -4.36 -3.19
C TYR B 15 17.18 -5.43 -3.56
N HIS B 16 16.67 -6.58 -4.00
CA HIS B 16 17.49 -7.65 -4.61
C HIS B 16 16.64 -8.42 -5.62
N MET B 17 17.31 -9.06 -6.58
CA MET B 17 16.70 -10.00 -7.55
C MET B 17 17.60 -11.23 -7.63
N GLN B 18 16.99 -12.40 -7.85
CA GLN B 18 17.72 -13.70 -7.93
C GLN B 18 17.10 -14.55 -9.06
N GLU B 19 17.82 -15.58 -9.48
CA GLU B 19 17.50 -16.39 -10.69
C GLU B 19 16.22 -17.20 -10.46
N GLU B 20 15.87 -17.49 -9.20
CA GLU B 20 14.65 -18.26 -8.81
C GLU B 20 13.38 -17.48 -9.18
N ALA B 21 13.49 -16.16 -9.40
CA ALA B 21 12.37 -15.28 -9.81
C ALA B 21 12.89 -14.23 -10.80
N PRO B 22 13.10 -14.60 -12.08
CA PRO B 22 13.62 -13.67 -13.09
C PRO B 22 12.68 -12.46 -13.30
N GLY B 23 13.25 -11.26 -13.29
CA GLY B 23 12.52 -9.98 -13.50
C GLY B 23 11.48 -9.74 -12.43
N MET B 24 11.73 -10.19 -11.20
CA MET B 24 10.83 -10.01 -10.03
C MET B 24 11.64 -9.40 -8.88
N VAL B 25 11.12 -8.35 -8.26
CA VAL B 25 11.86 -7.53 -7.25
C VAL B 25 11.50 -8.00 -5.85
N PHE B 26 12.53 -8.25 -5.02
CA PHE B 26 12.43 -8.35 -3.54
C PHE B 26 12.74 -6.98 -2.95
N TRP B 27 11.71 -6.27 -2.46
CA TRP B 27 11.87 -4.92 -1.87
C TRP B 27 12.22 -5.05 -0.39
N HIS B 28 13.47 -4.74 -0.04
CA HIS B 28 13.97 -4.71 1.36
C HIS B 28 13.35 -3.50 2.07
N ASN B 29 13.60 -3.37 3.37
CA ASN B 29 12.91 -2.39 4.27
C ASN B 29 13.12 -0.97 3.72
N ASP B 30 14.38 -0.56 3.54
CA ASP B 30 14.75 0.82 3.13
C ASP B 30 14.20 1.08 1.71
N GLY B 31 14.23 0.08 0.83
CA GLY B 31 13.74 0.19 -0.55
C GLY B 31 12.22 0.30 -0.58
N TRP B 32 11.53 -0.48 0.25
CA TRP B 32 10.05 -0.51 0.33
C TRP B 32 9.54 0.83 0.89
N THR B 33 10.31 1.47 1.77
CA THR B 33 10.05 2.82 2.31
C THR B 33 9.99 3.84 1.15
N ILE B 34 10.99 3.81 0.27
CA ILE B 34 11.04 4.70 -0.93
C ILE B 34 9.79 4.46 -1.76
N PHE B 35 9.53 3.19 -2.09
CA PHE B 35 8.36 2.72 -2.89
C PHE B 35 7.06 3.32 -2.33
N ARG B 36 6.84 3.19 -1.02
CA ARG B 36 5.58 3.62 -0.34
C ARG B 36 5.47 5.15 -0.38
N GLU B 37 6.55 5.87 -0.07
CA GLU B 37 6.59 7.36 -0.15
C GLU B 37 6.21 7.79 -1.58
N LEU B 38 6.66 7.06 -2.59
CA LEU B 38 6.33 7.35 -4.02
C LEU B 38 4.83 7.14 -4.24
N GLU B 39 4.25 6.10 -3.64
CA GLU B 39 2.79 5.83 -3.68
C GLU B 39 2.03 6.99 -3.02
N VAL B 40 2.47 7.41 -1.82
CA VAL B 40 1.85 8.54 -1.04
C VAL B 40 1.83 9.80 -1.93
N PHE B 41 2.94 10.09 -2.61
CA PHE B 41 3.08 11.25 -3.52
C PHE B 41 2.00 11.17 -4.61
N VAL B 42 1.86 10.01 -5.26
CA VAL B 42 0.89 9.79 -6.37
C VAL B 42 -0.53 9.98 -5.82
N ARG B 43 -0.83 9.39 -4.67
CA ARG B 43 -2.14 9.48 -3.97
C ARG B 43 -2.49 10.95 -3.70
N SER B 44 -1.50 11.78 -3.34
CA SER B 44 -1.66 13.24 -3.12
C SER B 44 -2.09 13.91 -4.43
N LYS B 45 -1.55 13.45 -5.57
CA LYS B 45 -1.93 13.96 -6.93
C LYS B 45 -3.29 13.38 -7.33
N LEU B 46 -3.57 12.12 -6.95
CA LEU B 46 -4.86 11.45 -7.25
C LEU B 46 -6.00 12.22 -6.57
N LYS B 47 -5.79 12.69 -5.34
CA LYS B 47 -6.79 13.52 -4.60
C LYS B 47 -6.94 14.87 -5.30
N GLU B 48 -5.82 15.50 -5.66
CA GLU B 48 -5.76 16.85 -6.29
C GLU B 48 -6.52 16.85 -7.62
N TYR B 49 -6.28 15.85 -8.47
CA TYR B 49 -6.89 15.72 -9.82
C TYR B 49 -8.17 14.86 -9.75
N GLN B 50 -8.74 14.71 -8.55
CA GLN B 50 -10.09 14.12 -8.27
C GLN B 50 -10.19 12.72 -8.90
N TYR B 51 -9.26 11.83 -8.52
CA TYR B 51 -9.25 10.40 -8.89
C TYR B 51 -9.74 9.56 -7.70
N GLN B 52 -10.65 8.62 -7.94
CA GLN B 52 -11.00 7.55 -6.97
C GLN B 52 -9.95 6.45 -7.12
N GLU B 53 -9.70 5.68 -6.05
CA GLU B 53 -8.67 4.60 -6.03
C GLU B 53 -9.33 3.25 -5.73
N VAL B 54 -8.98 2.23 -6.52
CA VAL B 54 -9.58 0.86 -6.47
C VAL B 54 -8.46 -0.18 -6.46
N LYS B 55 -8.81 -1.46 -6.33
CA LYS B 55 -7.87 -2.62 -6.43
C LYS B 55 -8.59 -3.78 -7.15
N GLY B 56 -7.99 -4.30 -8.22
CA GLY B 56 -8.56 -5.35 -9.07
C GLY B 56 -7.99 -6.72 -8.75
N PRO B 57 -8.62 -7.83 -9.22
CA PRO B 57 -8.08 -9.17 -9.04
C PRO B 57 -6.75 -9.42 -9.77
N PHE B 58 -5.88 -10.22 -9.15
CA PHE B 58 -4.54 -10.60 -9.66
C PHE B 58 -4.67 -11.29 -11.02
N MET B 59 -5.71 -12.11 -11.20
CA MET B 59 -5.99 -12.86 -12.46
C MET B 59 -7.49 -12.85 -12.76
N MET B 60 -7.84 -13.00 -14.04
CA MET B 60 -9.23 -13.15 -14.55
C MET B 60 -9.25 -14.19 -15.67
N ASP B 61 -10.44 -14.74 -15.94
CA ASP B 61 -10.68 -15.86 -16.90
C ASP B 61 -10.15 -15.47 -18.28
N ARG B 62 -9.62 -16.45 -19.03
CA ARG B 62 -9.09 -16.27 -20.42
C ARG B 62 -10.23 -15.88 -21.37
N VAL B 63 -11.49 -16.18 -21.01
CA VAL B 63 -12.72 -15.80 -21.76
C VAL B 63 -12.78 -14.27 -21.86
N LEU B 64 -12.54 -13.56 -20.75
CA LEU B 64 -12.63 -12.08 -20.67
C LEU B 64 -11.52 -11.47 -21.53
N TRP B 65 -10.29 -11.99 -21.43
CA TRP B 65 -9.10 -11.51 -22.17
C TRP B 65 -9.23 -11.79 -23.66
N GLU B 66 -10.06 -12.77 -24.06
CA GLU B 66 -10.38 -13.07 -25.48
C GLU B 66 -11.38 -12.03 -26.00
N LYS B 67 -12.34 -11.61 -25.16
CA LYS B 67 -13.37 -10.60 -25.49
C LYS B 67 -12.71 -9.23 -25.73
N THR B 68 -11.61 -8.94 -25.02
CA THR B 68 -10.84 -7.66 -25.12
C THR B 68 -10.12 -7.61 -26.47
N GLY B 69 -9.72 -8.77 -27.01
CA GLY B 69 -8.99 -8.91 -28.29
C GLY B 69 -7.48 -8.91 -28.07
N HIS B 70 -7.02 -8.98 -26.82
CA HIS B 70 -5.58 -8.90 -26.45
C HIS B 70 -4.93 -10.27 -26.53
N TRP B 71 -5.68 -11.35 -26.23
CA TRP B 71 -5.20 -12.76 -26.30
C TRP B 71 -4.54 -12.99 -27.67
N ASP B 72 -5.24 -12.62 -28.75
CA ASP B 72 -4.81 -12.82 -30.16
C ASP B 72 -3.29 -12.67 -30.30
N ASN B 73 -2.74 -11.46 -30.06
CA ASN B 73 -1.33 -11.12 -30.41
C ASN B 73 -0.43 -11.01 -29.18
N TYR B 74 -0.93 -11.24 -27.96
CA TYR B 74 -0.16 -11.04 -26.70
C TYR B 74 -0.24 -12.24 -25.76
N LYS B 75 -0.80 -13.37 -26.20
CA LYS B 75 -0.93 -14.59 -25.37
C LYS B 75 0.46 -15.12 -25.00
N ASP B 76 1.44 -14.98 -25.90
CA ASP B 76 2.82 -15.50 -25.73
C ASP B 76 3.57 -14.69 -24.67
N ALA B 77 3.12 -13.45 -24.39
CA ALA B 77 3.69 -12.56 -23.34
C ALA B 77 2.75 -12.48 -22.14
N MET B 78 1.78 -13.40 -22.02
CA MET B 78 0.81 -13.44 -20.89
C MET B 78 1.09 -14.67 -20.03
N PHE B 79 1.04 -14.49 -18.70
CA PHE B 79 1.15 -15.58 -17.70
C PHE B 79 -0.24 -16.20 -17.52
N THR B 80 -0.33 -17.52 -17.63
CA THR B 80 -1.60 -18.29 -17.50
C THR B 80 -1.44 -19.38 -16.44
N THR B 81 -2.52 -19.65 -15.71
CA THR B 81 -2.67 -20.76 -14.72
C THR B 81 -4.05 -21.39 -14.94
N SER B 82 -4.30 -22.55 -14.34
CA SER B 82 -5.55 -23.33 -14.50
C SER B 82 -6.13 -23.67 -13.12
N SER B 83 -7.46 -23.84 -13.05
CA SER B 83 -8.22 -24.20 -11.83
C SER B 83 -9.64 -24.66 -12.20
N GLU B 84 -9.96 -25.93 -11.89
CA GLU B 84 -11.29 -26.56 -12.14
C GLU B 84 -11.61 -26.51 -13.64
N ASN B 85 -10.64 -26.87 -14.48
CA ASN B 85 -10.76 -26.98 -15.96
C ASN B 85 -11.02 -25.61 -16.58
N ARG B 86 -10.72 -24.53 -15.87
CA ARG B 86 -10.86 -23.12 -16.35
C ARG B 86 -9.46 -22.51 -16.42
N GLU B 87 -9.15 -21.82 -17.53
CA GLU B 87 -7.86 -21.12 -17.75
C GLU B 87 -8.03 -19.66 -17.30
N TYR B 88 -7.10 -19.17 -16.46
CA TYR B 88 -7.04 -17.78 -15.97
C TYR B 88 -5.73 -17.13 -16.42
N CYS B 89 -5.76 -15.84 -16.74
CA CYS B 89 -4.59 -15.02 -17.13
C CYS B 89 -4.19 -14.12 -15.96
N ILE B 90 -2.96 -14.28 -15.46
CA ILE B 90 -2.32 -13.29 -14.53
C ILE B 90 -2.17 -11.99 -15.33
N LYS B 91 -2.90 -10.95 -14.92
CA LYS B 91 -3.14 -9.72 -15.73
C LYS B 91 -1.79 -9.08 -16.10
N PRO B 92 -1.59 -8.68 -17.38
CA PRO B 92 -0.50 -7.76 -17.73
C PRO B 92 -0.94 -6.30 -17.74
N MET B 93 -2.23 -6.05 -17.47
CA MET B 93 -2.89 -4.73 -17.56
C MET B 93 -4.08 -4.68 -16.60
N ASN B 94 -4.53 -3.48 -16.25
CA ASN B 94 -5.60 -3.24 -15.24
C ASN B 94 -6.87 -2.72 -15.91
N CYS B 95 -6.83 -2.48 -17.24
CA CYS B 95 -7.94 -1.82 -17.99
C CYS B 95 -9.22 -2.66 -17.86
N PRO B 96 -9.25 -3.95 -18.25
CA PRO B 96 -10.47 -4.75 -18.16
C PRO B 96 -11.10 -4.76 -16.76
N GLY B 97 -10.27 -4.88 -15.71
CA GLY B 97 -10.69 -4.93 -14.30
C GLY B 97 -11.37 -3.64 -13.84
N HIS B 98 -10.94 -2.50 -14.39
CA HIS B 98 -11.53 -1.15 -14.14
C HIS B 98 -12.94 -1.08 -14.72
N VAL B 99 -13.16 -1.70 -15.88
CA VAL B 99 -14.47 -1.73 -16.61
C VAL B 99 -15.48 -2.54 -15.77
N GLN B 100 -15.04 -3.63 -15.15
CA GLN B 100 -15.90 -4.54 -14.33
C GLN B 100 -16.44 -3.77 -13.12
N ILE B 101 -15.59 -2.96 -12.48
CA ILE B 101 -15.98 -2.10 -11.31
C ILE B 101 -16.97 -1.04 -11.80
N PHE B 102 -16.74 -0.48 -12.98
CA PHE B 102 -17.59 0.55 -13.63
C PHE B 102 -18.96 -0.08 -13.96
N ASN B 103 -18.96 -1.30 -14.50
CA ASN B 103 -20.18 -2.03 -14.94
C ASN B 103 -21.07 -2.33 -13.74
N GLN B 104 -20.48 -2.53 -12.55
CA GLN B 104 -21.22 -2.78 -11.28
C GLN B 104 -21.76 -1.45 -10.75
N GLY B 105 -23.03 -1.15 -11.02
CA GLY B 105 -23.71 0.11 -10.66
C GLY B 105 -24.17 0.86 -11.89
N LEU B 106 -25.42 1.32 -11.91
CA LEU B 106 -26.05 2.05 -13.06
C LEU B 106 -25.37 3.41 -13.22
N LYS B 107 -24.43 3.52 -14.16
CA LYS B 107 -23.64 4.75 -14.44
C LYS B 107 -24.48 5.67 -15.35
N SER B 108 -24.64 6.94 -14.95
CA SER B 108 -25.31 8.01 -15.74
C SER B 108 -24.26 8.95 -16.32
N TYR B 109 -24.70 9.93 -17.12
CA TYR B 109 -23.85 10.96 -17.77
C TYR B 109 -23.25 11.91 -16.71
N ARG B 110 -23.93 12.09 -15.57
CA ARG B 110 -23.53 13.01 -14.48
C ARG B 110 -22.41 12.38 -13.64
N ASP B 111 -22.27 11.05 -13.68
CA ASP B 111 -21.18 10.31 -12.99
C ASP B 111 -19.89 10.44 -13.80
N LEU B 112 -19.98 10.99 -15.02
CA LEU B 112 -18.83 11.22 -15.93
C LEU B 112 -18.38 12.67 -15.83
N PRO B 113 -17.05 12.95 -15.82
CA PRO B 113 -16.01 11.95 -16.03
C PRO B 113 -15.72 11.14 -14.76
N LEU B 114 -15.48 9.83 -14.92
CA LEU B 114 -15.12 8.91 -13.79
C LEU B 114 -13.62 8.60 -13.88
N ARG B 115 -12.85 9.10 -12.90
CA ARG B 115 -11.38 8.96 -12.83
C ARG B 115 -11.04 7.85 -11.82
N MET B 116 -10.74 6.65 -12.33
CA MET B 116 -10.51 5.41 -11.54
C MET B 116 -9.02 5.07 -11.58
N ALA B 117 -8.31 5.25 -10.45
CA ALA B 117 -6.86 5.00 -10.32
C ALA B 117 -6.62 3.67 -9.59
N GLU B 118 -5.44 3.08 -9.81
CA GLU B 118 -5.00 1.82 -9.14
C GLU B 118 -3.47 1.70 -9.28
N PHE B 119 -2.80 1.31 -8.21
CA PHE B 119 -1.41 0.78 -8.23
C PHE B 119 -1.50 -0.69 -8.65
N GLY B 120 -1.47 -0.93 -9.96
CA GLY B 120 -1.77 -2.22 -10.60
C GLY B 120 -0.57 -3.13 -10.67
N SER B 121 -0.52 -4.13 -9.78
CA SER B 121 0.46 -5.26 -9.83
C SER B 121 0.23 -6.04 -11.13
N CYS B 122 1.16 -5.91 -12.09
CA CYS B 122 1.05 -6.48 -13.45
C CYS B 122 2.21 -7.44 -13.72
N HIS B 123 1.99 -8.41 -14.61
CA HIS B 123 2.98 -9.45 -15.02
C HIS B 123 2.83 -9.73 -16.51
N ARG B 124 3.93 -9.68 -17.26
CA ARG B 124 4.01 -10.15 -18.67
C ARG B 124 5.27 -11.01 -18.82
N ASN B 125 5.16 -12.09 -19.61
CA ASN B 125 6.23 -13.10 -19.80
C ASN B 125 7.22 -12.60 -20.86
N GLU B 126 8.05 -11.63 -20.48
CA GLU B 126 9.11 -11.02 -21.34
C GLU B 126 10.26 -12.01 -21.46
N PRO B 127 10.96 -12.08 -22.61
CA PRO B 127 12.16 -12.92 -22.74
C PRO B 127 13.20 -12.62 -21.66
N SER B 128 13.72 -13.66 -20.99
CA SER B 128 14.67 -13.57 -19.85
C SER B 128 15.95 -12.82 -20.26
N GLY B 129 16.33 -12.92 -21.53
CA GLY B 129 17.51 -12.23 -22.11
C GLY B 129 17.35 -10.72 -22.16
N ALA B 130 16.12 -10.24 -22.27
CA ALA B 130 15.76 -8.80 -22.43
C ALA B 130 15.52 -8.13 -21.07
N LEU B 131 15.65 -8.88 -19.97
CA LEU B 131 15.54 -8.34 -18.58
C LEU B 131 16.85 -7.64 -18.22
N HIS B 132 16.78 -6.48 -17.55
CA HIS B 132 17.94 -5.80 -16.91
C HIS B 132 17.46 -4.92 -15.74
N GLY B 133 17.92 -5.24 -14.53
CA GLY B 133 17.66 -4.47 -13.29
C GLY B 133 16.17 -4.20 -13.06
N LEU B 134 15.85 -2.98 -12.61
CA LEU B 134 14.46 -2.52 -12.36
C LEU B 134 13.86 -1.95 -13.65
N MET B 135 14.67 -1.84 -14.72
CA MET B 135 14.30 -1.13 -15.98
C MET B 135 13.44 -2.03 -16.87
N ARG B 136 13.86 -3.26 -17.14
CA ARG B 136 12.99 -4.26 -17.82
C ARG B 136 12.80 -5.46 -16.89
N VAL B 137 11.55 -5.67 -16.46
CA VAL B 137 11.16 -6.71 -15.47
C VAL B 137 9.96 -7.48 -16.01
N ARG B 138 9.60 -8.59 -15.34
CA ARG B 138 8.38 -9.39 -15.60
C ARG B 138 7.26 -8.92 -14.66
N GLY B 139 7.57 -8.79 -13.36
CA GLY B 139 6.64 -8.32 -12.33
C GLY B 139 6.85 -6.85 -12.00
N PHE B 140 5.92 -5.99 -12.40
CA PHE B 140 6.00 -4.52 -12.19
C PHE B 140 4.69 -4.01 -11.59
N THR B 141 4.71 -2.75 -11.14
CA THR B 141 3.58 -2.03 -10.51
C THR B 141 3.32 -0.74 -11.31
N GLN B 142 2.10 -0.59 -11.83
CA GLN B 142 1.73 0.50 -12.76
C GLN B 142 0.96 1.58 -11.97
N ASP B 143 1.39 2.84 -12.05
CA ASP B 143 0.63 4.00 -11.52
C ASP B 143 -0.52 4.29 -12.49
N ASP B 144 -1.40 3.31 -12.68
CA ASP B 144 -2.40 3.28 -13.77
C ASP B 144 -3.66 4.01 -13.33
N ALA B 145 -4.45 4.47 -14.30
CA ALA B 145 -5.79 5.04 -14.09
C ALA B 145 -6.55 4.96 -15.41
N HIS B 146 -7.87 4.88 -15.33
CA HIS B 146 -8.76 4.82 -16.51
C HIS B 146 -9.89 5.84 -16.33
N ILE B 147 -9.99 6.79 -17.26
CA ILE B 147 -11.00 7.88 -17.22
C ILE B 147 -12.13 7.52 -18.18
N PHE B 148 -13.33 7.31 -17.64
CA PHE B 148 -14.58 7.05 -18.38
C PHE B 148 -15.29 8.39 -18.58
N CYS B 149 -15.29 8.90 -19.82
CA CYS B 149 -15.80 10.26 -20.17
C CYS B 149 -16.64 10.21 -21.45
N THR B 150 -17.35 11.31 -21.73
CA THR B 150 -18.14 11.54 -22.96
C THR B 150 -17.19 11.93 -24.10
N GLU B 151 -17.64 11.83 -25.36
CA GLU B 151 -16.85 12.15 -26.57
C GLU B 151 -16.40 13.62 -26.51
N GLU B 152 -17.22 14.50 -25.93
CA GLU B 152 -16.94 15.96 -25.85
C GLU B 152 -15.96 16.26 -24.70
N GLN B 153 -16.01 15.47 -23.62
CA GLN B 153 -15.19 15.69 -22.38
C GLN B 153 -13.73 15.32 -22.62
N ILE B 154 -13.40 14.68 -23.75
CA ILE B 154 -12.04 14.11 -24.04
C ILE B 154 -10.98 15.20 -23.87
N ARG B 155 -11.10 16.29 -24.64
CA ARG B 155 -10.06 17.36 -24.76
C ARG B 155 -9.69 17.91 -23.38
N ASP B 156 -10.68 18.15 -22.52
CA ASP B 156 -10.48 18.70 -21.15
C ASP B 156 -9.77 17.67 -20.26
N GLU B 157 -10.18 16.39 -20.36
CA GLU B 157 -9.64 15.28 -19.52
C GLU B 157 -8.23 14.92 -19.98
N VAL B 158 -7.88 15.20 -21.24
CA VAL B 158 -6.50 14.99 -21.78
C VAL B 158 -5.61 16.15 -21.32
N ASN B 159 -6.18 17.35 -21.16
CA ASN B 159 -5.47 18.55 -20.63
C ASN B 159 -5.01 18.25 -19.20
N ALA B 160 -5.94 17.84 -18.33
CA ALA B 160 -5.69 17.43 -16.94
C ALA B 160 -4.54 16.42 -16.90
N CYS B 161 -4.64 15.34 -17.69
CA CYS B 161 -3.60 14.28 -17.84
C CYS B 161 -2.24 14.90 -18.18
N ILE B 162 -2.19 15.72 -19.24
CA ILE B 162 -0.95 16.42 -19.68
C ILE B 162 -0.40 17.25 -18.52
N ARG B 163 -1.26 18.05 -17.88
CA ARG B 163 -0.90 18.93 -16.74
C ARG B 163 -0.31 18.08 -15.61
N MET B 164 -0.95 16.95 -15.31
CA MET B 164 -0.57 16.02 -14.22
C MET B 164 0.81 15.40 -14.50
N VAL B 165 1.16 15.16 -15.77
CA VAL B 165 2.45 14.54 -16.20
C VAL B 165 3.61 15.48 -15.85
N TYR B 166 3.55 16.72 -16.33
CA TYR B 166 4.60 17.76 -16.16
C TYR B 166 4.67 18.15 -14.67
N ASP B 167 3.52 18.22 -14.01
CA ASP B 167 3.41 18.48 -12.55
C ASP B 167 4.24 17.43 -11.80
N MET B 168 3.96 16.15 -12.01
CA MET B 168 4.61 15.03 -11.27
C MET B 168 6.10 14.92 -11.66
N TYR B 169 6.44 15.03 -12.94
CA TYR B 169 7.85 14.97 -13.44
C TYR B 169 8.68 16.10 -12.83
N SER B 170 8.09 17.29 -12.64
CA SER B 170 8.76 18.49 -12.07
C SER B 170 9.25 18.21 -10.65
N THR B 171 8.48 17.45 -9.86
CA THR B 171 8.79 17.14 -8.43
C THR B 171 10.19 16.52 -8.31
N PHE B 172 10.57 15.64 -9.24
CA PHE B 172 11.85 14.89 -9.23
C PHE B 172 12.92 15.65 -10.01
N GLY B 173 12.54 16.73 -10.70
CA GLY B 173 13.46 17.66 -11.38
C GLY B 173 13.71 17.28 -12.83
N PHE B 174 12.72 16.67 -13.49
CA PHE B 174 12.74 16.31 -14.93
C PHE B 174 11.94 17.37 -15.71
N GLU B 175 12.65 18.26 -16.41
CA GLU B 175 12.06 19.40 -17.19
C GLU B 175 12.18 19.12 -18.69
N LYS B 176 13.22 18.41 -19.13
CA LYS B 176 13.42 18.01 -20.55
C LYS B 176 12.50 16.83 -20.88
N ILE B 177 11.37 17.10 -21.55
CA ILE B 177 10.35 16.08 -21.95
C ILE B 177 10.18 16.15 -23.47
N VAL B 178 10.30 15.00 -24.14
CA VAL B 178 9.96 14.81 -25.59
C VAL B 178 8.62 14.09 -25.66
N VAL B 179 7.71 14.56 -26.53
CA VAL B 179 6.33 14.04 -26.66
C VAL B 179 6.11 13.54 -28.09
N LYS B 180 5.31 12.48 -28.26
CA LYS B 180 5.02 11.84 -29.57
C LYS B 180 3.53 11.46 -29.64
N LEU B 181 2.85 11.92 -30.69
CA LEU B 181 1.43 11.58 -31.00
C LEU B 181 1.42 10.48 -32.07
N SER B 182 0.97 9.27 -31.71
CA SER B 182 0.88 8.09 -32.61
C SER B 182 -0.53 8.01 -33.22
N THR B 183 -0.63 8.14 -34.55
CA THR B 183 -1.90 8.30 -35.31
C THR B 183 -2.43 6.92 -35.77
N PRO B 185 -3.36 3.66 -37.61
CA PRO B 185 -2.62 2.64 -38.36
C PRO B 185 -3.40 2.30 -39.64
N ASP B 186 -2.74 1.73 -40.65
CA ASP B 186 -3.38 1.27 -41.91
C ASP B 186 -4.64 0.46 -41.57
N LYS B 187 -4.57 -0.39 -40.54
CA LYS B 187 -5.72 -1.13 -39.97
C LYS B 187 -6.28 -0.34 -38.77
N ARG B 188 -7.60 -0.21 -38.67
CA ARG B 188 -8.25 0.63 -37.62
C ARG B 188 -9.74 0.30 -37.47
N ILE B 189 -10.30 0.57 -36.29
CA ILE B 189 -11.76 0.43 -35.96
C ILE B 189 -12.47 1.75 -36.26
N GLY B 190 -13.80 1.72 -36.42
CA GLY B 190 -14.66 2.91 -36.56
C GLY B 190 -14.44 3.63 -37.89
N SER B 191 -14.81 4.90 -37.95
CA SER B 191 -14.77 5.76 -39.16
C SER B 191 -13.51 6.64 -39.17
N ASP B 192 -13.21 7.25 -40.31
CA ASP B 192 -12.07 8.19 -40.50
C ASP B 192 -12.43 9.57 -39.91
N GLU B 193 -13.73 9.87 -39.81
CA GLU B 193 -14.26 11.12 -39.19
C GLU B 193 -14.01 11.07 -37.68
N MET B 194 -14.27 9.92 -37.05
CA MET B 194 -14.01 9.64 -35.61
C MET B 194 -12.54 9.91 -35.29
N TRP B 195 -11.64 9.29 -36.05
CA TRP B 195 -10.15 9.40 -35.89
C TRP B 195 -9.70 10.85 -36.12
N ASP B 196 -10.35 11.56 -37.04
CA ASP B 196 -10.05 12.98 -37.38
C ASP B 196 -10.32 13.88 -36.17
N ARG B 197 -11.24 13.47 -35.29
CA ARG B 197 -11.60 14.19 -34.03
C ARG B 197 -10.73 13.66 -32.87
N ALA B 198 -10.49 12.35 -32.82
CA ALA B 198 -9.72 11.65 -31.75
C ALA B 198 -8.24 12.05 -31.81
N GLU B 199 -7.65 12.06 -33.00
CA GLU B 199 -6.24 12.45 -33.25
C GLU B 199 -6.08 13.96 -33.07
N ALA B 200 -7.16 14.72 -33.25
CA ALA B 200 -7.21 16.20 -33.11
C ALA B 200 -7.40 16.58 -31.64
N ASP B 201 -8.19 15.82 -30.89
CA ASP B 201 -8.41 15.99 -29.42
C ASP B 201 -7.05 15.96 -28.72
N LEU B 202 -6.18 15.03 -29.11
CA LEU B 202 -4.80 14.88 -28.57
C LEU B 202 -3.90 16.01 -29.09
N ALA B 203 -4.04 16.37 -30.36
CA ALA B 203 -3.18 17.35 -31.07
C ALA B 203 -3.42 18.77 -30.52
N VAL B 204 -4.69 19.19 -30.43
CA VAL B 204 -5.08 20.56 -29.95
C VAL B 204 -4.68 20.69 -28.47
N ALA B 205 -4.86 19.63 -27.68
CA ALA B 205 -4.53 19.59 -26.23
C ALA B 205 -3.04 19.89 -26.02
N LEU B 206 -2.18 19.36 -26.90
CA LEU B 206 -0.70 19.56 -26.82
C LEU B 206 -0.32 20.96 -27.31
N GLU B 207 -1.00 21.45 -28.35
CA GLU B 207 -0.80 22.82 -28.92
C GLU B 207 -1.20 23.87 -27.87
N GLU B 208 -2.43 23.75 -27.33
CA GLU B 208 -2.96 24.64 -26.25
C GLU B 208 -1.94 24.75 -25.11
N ASN B 209 -1.28 23.64 -24.76
CA ASN B 209 -0.28 23.58 -23.67
C ASN B 209 1.11 23.94 -24.20
N ASN B 210 1.22 24.28 -25.49
CA ASN B 210 2.47 24.73 -26.14
C ASN B 210 3.54 23.63 -26.01
N ILE B 211 3.12 22.38 -26.19
CA ILE B 211 4.01 21.19 -26.15
C ILE B 211 4.38 20.84 -27.60
N PRO B 212 5.64 21.04 -28.03
CA PRO B 212 6.07 20.57 -29.34
C PRO B 212 6.14 19.03 -29.33
N PHE B 213 5.48 18.39 -30.30
CA PHE B 213 5.42 16.91 -30.45
C PHE B 213 5.72 16.52 -31.90
N GLU B 214 6.30 15.33 -32.09
CA GLU B 214 6.56 14.70 -33.41
C GLU B 214 5.56 13.56 -33.61
N TYR B 215 4.82 13.57 -34.73
CA TYR B 215 3.86 12.51 -35.13
C TYR B 215 4.62 11.19 -35.34
N GLN B 216 4.07 10.08 -34.84
CA GLN B 216 4.54 8.69 -35.10
C GLN B 216 3.47 7.96 -35.92
N LEU B 217 3.38 8.27 -37.22
CA LEU B 217 2.33 7.75 -38.14
C LEU B 217 2.47 6.22 -38.26
N GLY B 218 1.53 5.47 -37.70
CA GLY B 218 1.43 4.00 -37.82
C GLY B 218 1.46 3.28 -36.48
N GLU B 219 2.26 3.78 -35.52
CA GLU B 219 2.62 3.05 -34.27
C GLU B 219 1.59 3.31 -33.17
N GLY B 220 0.37 3.76 -33.51
CA GLY B 220 -0.70 4.05 -32.54
C GLY B 220 -1.37 2.77 -32.05
N ALA B 221 -2.59 2.51 -32.53
CA ALA B 221 -3.42 1.32 -32.20
C ALA B 221 -4.67 1.34 -33.08
N PHE B 222 -5.31 0.18 -33.27
CA PHE B 222 -6.59 0.07 -34.03
C PHE B 222 -7.73 0.61 -33.15
N TYR B 223 -7.54 0.63 -31.83
CA TYR B 223 -8.58 0.99 -30.82
C TYR B 223 -8.53 2.49 -30.48
N GLY B 224 -7.50 3.22 -30.93
CA GLY B 224 -7.42 4.69 -30.83
C GLY B 224 -5.99 5.21 -30.65
N PRO B 225 -5.76 6.53 -30.79
CA PRO B 225 -4.41 7.10 -30.75
C PRO B 225 -3.85 7.24 -29.33
N LYS B 226 -2.57 7.61 -29.21
CA LYS B 226 -1.82 7.69 -27.93
C LYS B 226 -0.87 8.88 -27.93
N ILE B 227 -0.63 9.48 -26.75
CA ILE B 227 0.49 10.45 -26.48
C ILE B 227 1.49 9.76 -25.56
N GLU B 228 2.74 9.59 -26.02
CA GLU B 228 3.85 9.00 -25.23
C GLU B 228 4.78 10.11 -24.76
N PHE B 229 5.16 10.09 -23.49
CA PHE B 229 6.04 11.08 -22.83
C PHE B 229 7.39 10.43 -22.50
N THR B 230 8.49 11.02 -22.98
CA THR B 230 9.87 10.54 -22.77
C THR B 230 10.64 11.61 -21.97
N LEU B 231 11.01 11.32 -20.73
CA LEU B 231 11.78 12.25 -19.85
C LEU B 231 13.27 11.89 -19.95
N TYR B 232 14.14 12.86 -19.70
CA TYR B 232 15.62 12.76 -19.83
C TYR B 232 16.26 12.93 -18.45
N ASP B 233 17.20 12.05 -18.10
CA ASP B 233 17.93 12.08 -16.81
C ASP B 233 19.18 12.96 -16.95
N CYS B 234 19.93 13.14 -15.86
CA CYS B 234 21.12 14.04 -15.77
C CYS B 234 22.22 13.59 -16.76
N LEU B 235 22.14 12.37 -17.28
CA LEU B 235 23.09 11.79 -18.27
C LEU B 235 22.56 11.93 -19.70
N ASP B 236 21.41 12.58 -19.89
CA ASP B 236 20.74 12.78 -21.19
C ASP B 236 20.31 11.43 -21.76
N ARG B 237 19.86 10.51 -20.89
CA ARG B 237 19.33 9.19 -21.30
C ARG B 237 17.80 9.27 -21.33
N ALA B 238 17.21 8.75 -22.41
CA ALA B 238 15.76 8.81 -22.67
C ALA B 238 15.05 7.65 -21.95
N TRP B 239 13.91 7.94 -21.34
CA TRP B 239 13.04 6.95 -20.64
C TRP B 239 11.59 7.27 -20.97
N GLN B 240 10.92 6.40 -21.74
CA GLN B 240 9.48 6.55 -22.07
C GLN B 240 8.67 6.10 -20.86
N CYS B 241 8.19 7.04 -20.05
CA CYS B 241 7.49 6.75 -18.76
C CYS B 241 5.99 6.98 -18.91
N GLY B 242 5.60 8.15 -19.42
CA GLY B 242 4.18 8.58 -19.48
C GLY B 242 3.51 8.14 -20.76
N THR B 243 2.23 7.76 -20.69
CA THR B 243 1.40 7.37 -21.86
C THR B 243 -0.06 7.79 -21.61
N VAL B 244 -0.70 8.38 -22.62
CA VAL B 244 -2.16 8.75 -22.60
C VAL B 244 -2.79 8.13 -23.86
N GLN B 245 -3.59 7.08 -23.67
CA GLN B 245 -4.18 6.27 -24.78
C GLN B 245 -5.70 6.40 -24.76
N LEU B 246 -6.30 6.77 -25.89
CA LEU B 246 -7.76 6.78 -26.10
C LEU B 246 -8.20 5.41 -26.62
N ASP B 247 -9.23 4.83 -25.99
CA ASP B 247 -9.79 3.50 -26.35
C ASP B 247 -11.29 3.65 -26.64
N PHE B 248 -11.70 3.36 -27.87
CA PHE B 248 -13.12 3.39 -28.31
C PHE B 248 -13.67 1.96 -28.40
N SER B 249 -12.78 0.96 -28.46
CA SER B 249 -13.11 -0.48 -28.64
C SER B 249 -13.42 -1.12 -27.28
N LEU B 250 -12.43 -1.15 -26.36
CA LEU B 250 -12.48 -1.96 -25.11
C LEU B 250 -13.75 -1.67 -24.32
N PRO B 251 -14.20 -0.40 -24.11
CA PRO B 251 -15.47 -0.15 -23.43
C PRO B 251 -16.64 -0.94 -24.05
N SER B 252 -16.82 -0.83 -25.36
CA SER B 252 -17.92 -1.51 -26.11
C SER B 252 -17.72 -3.04 -26.08
N ARG B 253 -16.48 -3.51 -26.29
CA ARG B 253 -16.13 -4.94 -26.32
C ARG B 253 -16.37 -5.60 -24.95
N LEU B 254 -16.43 -4.82 -23.87
CA LEU B 254 -16.67 -5.31 -22.48
C LEU B 254 -17.99 -4.74 -21.93
N SER B 255 -18.99 -4.55 -22.80
CA SER B 255 -20.38 -4.17 -22.44
C SER B 255 -20.41 -2.98 -21.48
N ALA B 256 -19.56 -1.97 -21.69
CA ALA B 256 -19.58 -0.70 -20.90
C ALA B 256 -20.59 0.25 -21.53
N SER B 257 -21.49 0.83 -20.73
CA SER B 257 -22.54 1.78 -21.17
C SER B 257 -22.99 2.67 -20.00
N TYR B 258 -23.32 3.93 -20.30
CA TYR B 258 -23.92 4.91 -19.37
C TYR B 258 -25.20 5.47 -20.00
N VAL B 259 -26.16 5.89 -19.16
CA VAL B 259 -27.43 6.54 -19.61
C VAL B 259 -27.14 8.04 -19.84
N GLY B 260 -27.36 8.52 -21.06
CA GLY B 260 -27.04 9.90 -21.50
C GLY B 260 -28.05 10.90 -20.98
N GLU B 261 -27.92 12.17 -21.40
CA GLU B 261 -28.85 13.28 -21.06
C GLU B 261 -30.18 13.06 -21.79
N ASP B 262 -30.14 12.40 -22.96
CA ASP B 262 -31.33 12.08 -23.80
C ASP B 262 -31.82 10.65 -23.50
N ASN B 263 -31.37 10.06 -22.39
CA ASN B 263 -31.76 8.71 -21.90
C ASN B 263 -31.42 7.64 -22.96
N GLU B 264 -30.39 7.89 -23.77
CA GLU B 264 -29.84 6.93 -24.77
C GLU B 264 -28.61 6.25 -24.16
N ARG B 265 -28.55 4.92 -24.21
CA ARG B 265 -27.41 4.10 -23.72
C ARG B 265 -26.21 4.31 -24.66
N LYS B 266 -25.21 5.07 -24.23
CA LYS B 266 -23.99 5.42 -25.00
C LYS B 266 -22.78 4.70 -24.41
N VAL B 267 -21.94 4.10 -25.26
CA VAL B 267 -20.66 3.44 -24.86
C VAL B 267 -19.65 4.53 -24.53
N PRO B 268 -19.19 4.64 -23.26
CA PRO B 268 -18.30 5.73 -22.86
C PRO B 268 -16.91 5.56 -23.45
N VAL B 269 -16.20 6.67 -23.67
CA VAL B 269 -14.78 6.67 -24.14
C VAL B 269 -13.91 6.42 -22.91
N MET B 270 -12.85 5.63 -23.08
CA MET B 270 -11.91 5.27 -22.00
C MET B 270 -10.56 5.93 -22.29
N ILE B 271 -10.04 6.69 -21.33
CA ILE B 271 -8.67 7.26 -21.41
C ILE B 271 -7.76 6.41 -20.52
N HIS B 272 -6.77 5.75 -21.12
CA HIS B 272 -5.70 5.01 -20.40
C HIS B 272 -4.56 5.97 -20.11
N ARG B 273 -4.21 6.19 -18.83
CA ARG B 273 -3.08 7.07 -18.48
C ARG B 273 -2.21 6.41 -17.42
N ALA B 274 -0.90 6.41 -17.66
CA ALA B 274 0.17 6.11 -16.68
C ALA B 274 1.26 7.18 -16.85
N ILE B 275 1.74 7.76 -15.75
CA ILE B 275 2.69 8.90 -15.79
C ILE B 275 4.10 8.40 -15.47
N LEU B 276 4.30 7.82 -14.28
CA LEU B 276 5.58 7.20 -13.89
C LEU B 276 5.81 5.93 -14.74
N GLY B 277 4.71 5.26 -15.12
CA GLY B 277 4.73 4.01 -15.91
C GLY B 277 4.87 2.81 -15.00
N SER B 278 6.10 2.30 -14.85
CA SER B 278 6.49 1.24 -13.88
C SER B 278 7.08 1.91 -12.64
N MET B 279 6.50 1.65 -11.46
CA MET B 279 6.98 2.23 -10.17
C MET B 279 8.43 1.80 -9.94
N GLU B 280 8.77 0.56 -10.29
CA GLU B 280 10.11 -0.04 -10.06
C GLU B 280 11.12 0.63 -11.00
N ARG B 281 10.74 0.84 -12.25
CA ARG B 281 11.61 1.49 -13.27
C ARG B 281 11.89 2.94 -12.87
N PHE B 282 10.87 3.65 -12.40
CA PHE B 282 11.02 5.06 -11.94
C PHE B 282 11.98 5.11 -10.76
N ILE B 283 11.80 4.21 -9.79
CA ILE B 283 12.70 4.08 -8.61
C ILE B 283 14.12 3.83 -9.13
N GLY B 284 14.25 3.00 -10.18
CA GLY B 284 15.53 2.74 -10.86
C GLY B 284 16.12 4.02 -11.44
N ILE B 285 15.32 4.78 -12.19
CA ILE B 285 15.73 6.07 -12.83
C ILE B 285 16.13 7.05 -11.72
N LEU B 286 15.30 7.18 -10.67
CA LEU B 286 15.50 8.11 -9.53
C LEU B 286 16.82 7.75 -8.80
N THR B 287 17.05 6.46 -8.56
CA THR B 287 18.26 5.93 -7.87
C THR B 287 19.51 6.40 -8.60
N GLU B 288 19.50 6.31 -9.95
CA GLU B 288 20.66 6.69 -10.81
C GLU B 288 20.72 8.22 -10.89
N GLU B 289 19.60 8.89 -11.19
CA GLU B 289 19.48 10.36 -11.26
C GLU B 289 20.17 10.99 -10.03
N PHE B 290 19.81 10.55 -8.82
CA PHE B 290 20.28 11.14 -7.54
C PHE B 290 21.54 10.40 -7.04
N ALA B 291 21.93 9.32 -7.71
CA ALA B 291 23.10 8.48 -7.37
C ALA B 291 23.01 7.99 -5.90
N GLY B 292 21.79 7.70 -5.43
CA GLY B 292 21.53 7.24 -4.05
C GLY B 292 21.30 8.38 -3.07
N PHE B 293 21.60 9.62 -3.46
CA PHE B 293 21.34 10.85 -2.65
C PHE B 293 19.89 11.29 -2.86
N PHE B 294 18.95 10.49 -2.34
CA PHE B 294 17.49 10.71 -2.48
C PHE B 294 17.10 12.01 -1.77
N PRO B 295 16.18 12.82 -2.35
CA PRO B 295 15.59 13.95 -1.64
C PRO B 295 15.08 13.52 -0.25
N THR B 296 15.15 14.41 0.74
CA THR B 296 14.85 14.10 2.16
C THR B 296 13.54 13.32 2.24
N TRP B 297 12.51 13.74 1.48
CA TRP B 297 11.14 13.15 1.55
C TRP B 297 11.14 11.70 1.04
N LEU B 298 12.11 11.32 0.20
CA LEU B 298 12.26 9.94 -0.33
C LEU B 298 13.24 9.12 0.50
N ALA B 299 14.14 9.76 1.26
CA ALA B 299 15.27 9.10 1.97
C ALA B 299 14.74 8.04 2.93
N PRO B 300 15.25 6.79 2.88
CA PRO B 300 14.84 5.74 3.82
C PRO B 300 14.95 6.20 5.29
N VAL B 301 16.11 6.72 5.68
CA VAL B 301 16.38 7.36 7.00
C VAL B 301 16.75 8.82 6.74
N GLN B 302 15.95 9.76 7.26
CA GLN B 302 16.05 11.20 6.92
C GLN B 302 17.05 11.91 7.84
N VAL B 303 17.14 11.46 9.10
CA VAL B 303 17.96 12.09 10.15
C VAL B 303 18.63 11.00 10.99
N VAL B 304 19.89 11.22 11.38
CA VAL B 304 20.55 10.50 12.51
C VAL B 304 20.99 11.53 13.54
N VAL B 305 20.58 11.33 14.81
CA VAL B 305 21.00 12.15 15.97
C VAL B 305 22.04 11.35 16.74
N MET B 306 23.18 11.97 17.06
CA MET B 306 24.32 11.27 17.72
C MET B 306 24.95 12.17 18.79
N ASN B 307 25.73 11.54 19.68
CA ASN B 307 26.37 12.17 20.87
C ASN B 307 27.89 12.20 20.64
N ILE B 308 28.60 13.05 21.40
CA ILE B 308 30.09 13.12 21.43
C ILE B 308 30.60 12.23 22.57
N THR B 309 29.91 12.25 23.72
CA THR B 309 30.16 11.35 24.89
C THR B 309 28.82 10.81 25.40
N ASP B 310 28.86 9.93 26.41
N ASP B 310 28.86 9.93 26.41
CA ASP B 310 27.68 9.33 27.08
CA ASP B 310 27.67 9.32 27.07
C ASP B 310 26.93 10.40 27.89
C ASP B 310 26.95 10.39 27.91
N SER B 311 27.51 11.60 28.02
CA SER B 311 26.94 12.74 28.78
C SER B 311 25.66 13.27 28.10
N GLN B 312 25.59 13.25 26.76
CA GLN B 312 24.49 13.85 25.97
C GLN B 312 23.47 12.78 25.53
N SER B 313 23.70 11.50 25.88
CA SER B 313 22.93 10.33 25.38
C SER B 313 21.42 10.55 25.56
N GLU B 314 20.99 11.11 26.71
CA GLU B 314 19.56 11.29 27.06
C GLU B 314 18.98 12.45 26.24
N TYR B 315 19.74 13.53 26.05
CA TYR B 315 19.38 14.69 25.18
C TYR B 315 19.15 14.19 23.75
N VAL B 316 19.95 13.24 23.29
CA VAL B 316 19.84 12.64 21.93
C VAL B 316 18.53 11.84 21.84
N ASN B 317 18.30 10.94 22.79
CA ASN B 317 17.10 10.06 22.83
C ASN B 317 15.83 10.91 22.87
N GLU B 318 15.88 12.09 23.50
CA GLU B 318 14.73 13.03 23.61
C GLU B 318 14.51 13.75 22.26
N LEU B 319 15.58 14.30 21.68
CA LEU B 319 15.54 14.95 20.34
C LEU B 319 15.05 13.96 19.30
N THR B 320 15.54 12.71 19.36
CA THR B 320 15.10 11.59 18.49
C THR B 320 13.58 11.49 18.56
N GLN B 321 13.03 11.43 19.77
CA GLN B 321 11.57 11.26 20.02
C GLN B 321 10.81 12.46 19.44
N LYS B 322 11.29 13.69 19.69
CA LYS B 322 10.66 14.94 19.18
C LYS B 322 10.63 14.92 17.64
N LEU B 323 11.71 14.46 17.00
CA LEU B 323 11.82 14.33 15.52
C LEU B 323 10.85 13.25 15.03
N GLN B 324 10.79 12.12 15.73
CA GLN B 324 9.90 10.96 15.41
C GLN B 324 8.43 11.44 15.53
N ASN B 325 8.10 12.18 16.59
CA ASN B 325 6.75 12.76 16.83
C ASN B 325 6.40 13.76 15.73
N ALA B 326 7.39 14.42 15.14
CA ALA B 326 7.21 15.44 14.07
C ALA B 326 7.02 14.78 12.71
N GLY B 327 7.10 13.44 12.64
CA GLY B 327 6.82 12.66 11.42
C GLY B 327 8.06 12.42 10.58
N ILE B 328 9.24 12.46 11.20
CA ILE B 328 10.57 12.31 10.53
C ILE B 328 11.11 10.91 10.83
N ARG B 329 11.54 10.19 9.78
CA ARG B 329 12.26 8.89 9.90
C ARG B 329 13.64 9.17 10.47
N VAL B 330 13.86 8.81 11.75
CA VAL B 330 15.09 9.18 12.54
C VAL B 330 15.58 7.95 13.32
N LYS B 331 16.90 7.78 13.38
CA LYS B 331 17.59 6.77 14.22
C LYS B 331 18.56 7.50 15.16
N ALA B 332 18.84 6.93 16.33
CA ALA B 332 19.80 7.46 17.33
C ALA B 332 21.08 6.62 17.28
N ASP B 333 22.25 7.28 17.25
CA ASP B 333 23.59 6.63 17.24
C ASP B 333 24.32 7.00 18.53
N LEU B 334 24.18 6.16 19.56
CA LEU B 334 24.83 6.32 20.90
C LEU B 334 26.00 5.34 21.04
N ARG B 335 26.43 4.70 19.95
CA ARG B 335 27.56 3.73 19.93
C ARG B 335 28.84 4.42 20.45
N ASN B 336 29.73 3.65 21.08
CA ASN B 336 31.08 4.11 21.52
C ASN B 336 32.02 4.06 20.31
N GLU B 337 31.86 5.04 19.40
CA GLU B 337 32.71 5.23 18.19
C GLU B 337 33.01 6.72 18.05
N LYS B 338 34.15 7.07 17.43
CA LYS B 338 34.55 8.47 17.16
C LYS B 338 33.50 9.12 16.26
N ILE B 339 33.23 10.41 16.46
CA ILE B 339 32.18 11.19 15.71
C ILE B 339 32.44 11.08 14.21
N GLY B 340 33.71 11.06 13.80
CA GLY B 340 34.15 10.96 12.39
C GLY B 340 33.81 9.61 11.77
N PHE B 341 33.85 8.54 12.57
CA PHE B 341 33.42 7.17 12.18
C PHE B 341 31.91 7.16 11.95
N LYS B 342 31.15 7.61 12.95
CA LYS B 342 29.67 7.70 12.92
C LYS B 342 29.22 8.45 11.66
N ILE B 343 29.72 9.68 11.51
CA ILE B 343 29.32 10.63 10.43
C ILE B 343 29.61 10.01 9.05
N ARG B 344 30.71 9.26 8.92
CA ARG B 344 31.09 8.60 7.64
C ARG B 344 30.05 7.53 7.29
N GLU B 345 29.67 6.71 8.27
CA GLU B 345 28.72 5.57 8.09
C GLU B 345 27.38 6.07 7.55
N HIS B 346 26.83 7.15 8.13
CA HIS B 346 25.50 7.72 7.76
C HIS B 346 25.63 8.54 6.46
N THR B 347 26.81 9.14 6.20
CA THR B 347 27.15 9.80 4.92
C THR B 347 27.22 8.73 3.82
N LEU B 348 27.80 7.56 4.10
CA LEU B 348 27.84 6.41 3.16
C LEU B 348 26.40 5.93 2.88
N ARG B 349 25.55 5.87 3.90
CA ARG B 349 24.13 5.42 3.78
C ARG B 349 23.26 6.53 3.18
N ARG B 350 23.84 7.71 2.92
CA ARG B 350 23.19 8.85 2.20
C ARG B 350 22.07 9.43 3.06
N VAL B 351 22.30 9.54 4.37
CA VAL B 351 21.35 10.19 5.34
C VAL B 351 21.42 11.70 5.13
N PRO B 352 20.32 12.35 4.69
CA PRO B 352 20.35 13.79 4.41
C PRO B 352 21.02 14.63 5.51
N TYR B 353 20.57 14.45 6.76
CA TYR B 353 20.97 15.31 7.90
C TYR B 353 21.54 14.46 9.03
N MET B 354 22.69 14.91 9.56
CA MET B 354 23.36 14.33 10.75
C MET B 354 23.39 15.40 11.84
N LEU B 355 22.64 15.17 12.92
CA LEU B 355 22.51 16.09 14.08
C LEU B 355 23.42 15.58 15.20
N VAL B 356 24.36 16.42 15.64
CA VAL B 356 25.40 16.07 16.66
C VAL B 356 25.11 16.88 17.94
N CYS B 357 25.10 16.20 19.08
CA CYS B 357 24.79 16.80 20.40
C CYS B 357 26.03 16.76 21.31
N GLY B 358 26.72 17.91 21.43
CA GLY B 358 27.80 18.15 22.41
C GLY B 358 27.27 18.86 23.65
N ASP B 359 28.14 19.10 24.63
CA ASP B 359 27.79 19.77 25.91
C ASP B 359 27.21 21.16 25.62
N LYS B 360 27.82 21.90 24.70
CA LYS B 360 27.43 23.28 24.30
C LYS B 360 26.02 23.26 23.66
N GLU B 361 25.69 22.20 22.93
CA GLU B 361 24.37 22.02 22.27
C GLU B 361 23.29 21.75 23.33
N VAL B 362 23.60 20.90 24.32
CA VAL B 362 22.68 20.53 25.44
C VAL B 362 22.35 21.79 26.25
N GLU B 363 23.38 22.56 26.62
CA GLU B 363 23.29 23.74 27.52
C GLU B 363 22.38 24.82 26.91
N ALA B 364 22.45 25.00 25.58
CA ALA B 364 21.75 26.10 24.85
C ALA B 364 20.42 25.60 24.25
N GLY B 365 20.10 24.32 24.41
CA GLY B 365 18.92 23.68 23.78
C GLY B 365 19.03 23.73 22.26
N LYS B 366 20.25 23.60 21.72
CA LYS B 366 20.58 23.69 20.27
C LYS B 366 21.09 22.33 19.78
N VAL B 367 21.42 22.23 18.49
CA VAL B 367 21.94 20.98 17.86
C VAL B 367 22.77 21.36 16.62
N ALA B 368 23.93 20.74 16.45
CA ALA B 368 24.83 20.93 15.29
C ALA B 368 24.32 20.10 14.11
N VAL B 369 24.11 20.73 12.95
CA VAL B 369 23.52 20.08 11.75
C VAL B 369 24.57 20.03 10.63
N ARG B 370 24.87 18.82 10.17
CA ARG B 370 25.78 18.51 9.03
C ARG B 370 24.96 17.79 7.95
N THR B 371 25.11 18.19 6.68
CA THR B 371 24.49 17.53 5.50
C THR B 371 25.42 16.41 5.00
N ARG B 372 24.87 15.46 4.25
CA ARG B 372 25.64 14.34 3.64
C ARG B 372 26.59 14.88 2.57
N ARG B 373 26.37 16.10 2.09
CA ARG B 373 27.26 16.81 1.12
C ARG B 373 28.52 17.31 1.83
N GLY B 374 28.49 17.37 3.17
CA GLY B 374 29.63 17.77 4.02
C GLY B 374 29.53 19.22 4.48
N LYS B 375 28.41 19.88 4.20
CA LYS B 375 28.14 21.30 4.59
C LYS B 375 27.80 21.34 6.08
N ASP B 376 28.60 22.05 6.88
CA ASP B 376 28.38 22.28 8.33
C ASP B 376 27.49 23.52 8.48
N LEU B 377 26.20 23.32 8.78
CA LEU B 377 25.20 24.42 8.94
C LEU B 377 25.34 25.05 10.34
N GLY B 378 26.15 24.45 11.23
CA GLY B 378 26.45 24.98 12.57
C GLY B 378 25.40 24.56 13.59
N SER B 379 25.51 25.06 14.82
CA SER B 379 24.57 24.80 15.94
C SER B 379 23.35 25.71 15.80
N LEU B 380 22.16 25.13 15.65
CA LEU B 380 20.87 25.84 15.44
C LEU B 380 19.87 25.41 16.52
N ASP B 381 18.86 26.26 16.78
CA ASP B 381 17.76 26.00 17.74
C ASP B 381 17.01 24.73 17.29
N VAL B 382 16.83 23.77 18.20
CA VAL B 382 16.20 22.44 17.93
C VAL B 382 14.86 22.63 17.19
N ASN B 383 13.99 23.51 17.69
CA ASN B 383 12.60 23.70 17.20
C ASN B 383 12.62 24.26 15.78
N ASP B 384 13.52 25.22 15.51
N ASP B 384 13.52 25.21 15.51
CA ASP B 384 13.68 25.87 14.18
CA ASP B 384 13.70 25.88 14.18
C ASP B 384 14.20 24.85 13.15
C ASP B 384 14.23 24.89 13.15
N VAL B 385 15.02 23.89 13.59
CA VAL B 385 15.56 22.80 12.72
C VAL B 385 14.40 21.88 12.32
N ILE B 386 13.67 21.34 13.31
CA ILE B 386 12.55 20.38 13.10
C ILE B 386 11.52 21.03 12.18
N GLU B 387 11.25 22.33 12.36
CA GLU B 387 10.31 23.11 11.50
C GLU B 387 10.85 23.18 10.07
N LYS B 388 12.15 23.41 9.91
CA LYS B 388 12.82 23.51 8.58
C LYS B 388 12.82 22.13 7.89
N LEU B 389 13.09 21.06 8.63
CA LEU B 389 13.07 19.66 8.12
C LEU B 389 11.65 19.28 7.71
N GLN B 390 10.66 19.58 8.56
CA GLN B 390 9.22 19.32 8.27
C GLN B 390 8.85 19.95 6.93
N GLN B 391 9.19 21.23 6.73
CA GLN B 391 8.84 21.97 5.49
C GLN B 391 9.51 21.28 4.30
N GLU B 392 10.81 20.97 4.41
CA GLU B 392 11.61 20.31 3.35
C GLU B 392 10.90 19.02 2.90
N ILE B 393 10.38 18.24 3.85
CA ILE B 393 9.72 16.92 3.60
C ILE B 393 8.31 17.15 3.05
N ARG B 394 7.53 18.03 3.68
CA ARG B 394 6.09 18.24 3.35
C ARG B 394 5.96 18.95 2.00
N SER B 395 6.96 19.73 1.59
CA SER B 395 7.04 20.42 0.27
C SER B 395 7.69 19.53 -0.78
N ARG B 396 8.31 18.42 -0.36
CA ARG B 396 9.04 17.44 -1.22
C ARG B 396 10.12 18.19 -2.02
N SER B 397 10.96 18.96 -1.31
CA SER B 397 12.03 19.81 -1.91
C SER B 397 13.19 18.93 -2.38
N LEU B 398 13.64 19.16 -3.62
CA LEU B 398 14.85 18.51 -4.22
C LEU B 398 16.11 18.98 -3.50
N GLN B 399 16.10 20.23 -3.01
CA GLN B 399 17.28 20.91 -2.42
C GLN B 399 17.21 20.74 -0.90
N GLN B 400 18.38 20.67 -0.25
CA GLN B 400 18.50 20.62 1.23
C GLN B 400 18.73 22.04 1.74
N LEU B 401 18.90 22.20 3.06
CA LEU B 401 19.20 23.50 3.72
C LEU B 401 20.62 23.92 3.36
N GLU B 402 20.80 25.17 2.91
CA GLU B 402 22.09 25.73 2.41
C GLU B 402 22.64 26.73 3.45
ZN ZN C . 4.91 -17.94 7.41
C1 9I6 D . -6.75 -18.17 3.69
C2 9I6 D . -7.82 -17.32 3.95
C3 9I6 D . -7.81 -16.54 5.10
C4 9I6 D . -6.74 -16.63 5.99
C5 9I6 D . -5.68 -17.50 5.75
C6 9I6 D . -5.69 -18.26 4.59
C7 9I6 D . -6.98 -18.87 2.38
N8 9I6 D . -8.27 -18.32 1.98
C9 9I6 D . -8.79 -17.44 2.84
O10 9I6 D . -9.88 -16.89 2.73
C11 9I6 D . -4.55 -17.60 6.73
C12 9I6 D . -3.50 -18.51 6.52
C13 9I6 D . -2.50 -18.71 7.46
C14 9I6 D . -2.49 -17.92 8.60
C15 9I6 D . -3.49 -16.98 8.81
C16 9I6 D . -4.51 -16.83 7.89
C17 9I6 D . -1.50 -19.84 7.29
N18 9I6 D . -0.18 -19.56 7.86
C19 9I6 D . 0.17 -20.24 9.12
C20 9I6 D . -0.24 -21.70 9.21
C21 9I6 D . 0.27 -22.60 8.08
C22 9I6 D . -0.10 -24.06 8.31
C23 9I6 D . 0.42 -25.02 7.26
C24 9I6 D . 0.65 -18.74 7.17
C25 9I6 D . 2.02 -18.39 7.74
O26 9I6 D . 0.32 -18.27 6.09
C27 9I6 D . 2.04 -16.95 8.28
C28 9I6 D . 1.34 -16.82 9.62
O29 9I6 D . 3.40 -16.51 8.39
N30 9I6 D . 3.03 -18.57 6.70
N31 9I6 D . 0.00 -24.69 5.89
C32 9I6 D . 0.97 -24.71 4.90
C33 9I6 D . 0.45 -24.44 3.55
C34 9I6 D . -0.91 -24.17 3.38
N35 9I6 D . -1.81 -24.17 4.44
C36 9I6 D . -1.32 -24.42 5.60
C37 9I6 D . 1.32 -24.46 2.45
C38 9I6 D . 0.81 -24.25 1.19
C39 9I6 D . -0.54 -23.99 1.00
C40 9I6 D . -1.40 -23.95 2.09
BR1 9I6 D . -1.26 -23.74 -0.74
CL1 9I6 D . 1.91 -24.33 -0.16
O43 9I6 D . 2.14 -24.94 5.16
ZN ZN E . -5.18 0.68 -19.68
C1 9I6 F . 6.84 -3.13 -18.59
C2 9I6 F . 7.87 -2.53 -17.88
C3 9I6 F . 7.84 -1.17 -17.61
C4 9I6 F . 6.78 -0.40 -18.07
C5 9I6 F . 5.73 -0.97 -18.80
C6 9I6 F . 5.77 -2.36 -19.05
C7 9I6 F . 7.12 -4.59 -18.76
N8 9I6 F . 8.40 -4.72 -18.07
C9 9I6 F . 8.87 -3.56 -17.57
O10 9I6 F . 9.93 -3.43 -16.97
C11 9I6 F . 4.58 -0.14 -19.29
C12 9I6 F . 3.55 -0.70 -20.03
C13 9I6 F . 2.48 0.07 -20.49
C14 9I6 F . 2.44 1.42 -20.18
C15 9I6 F . 3.45 1.99 -19.43
C16 9I6 F . 4.53 1.23 -18.99
C17 9I6 F . 1.40 -0.57 -21.34
N18 9I6 F . 0.15 0.22 -21.39
C19 9I6 F . 0.06 1.19 -22.48
C20 9I6 F . -0.85 0.73 -23.61
C21 9I6 F . -0.11 -0.07 -24.68
C22 9I6 F . -0.78 -1.39 -25.02
C23 9I6 F . 0.08 -2.30 -25.89
C24 9I6 F . -0.80 -0.01 -20.46
C25 9I6 F . -2.06 0.87 -20.43
O26 9I6 F . -0.70 -0.91 -19.64
C27 9I6 F . -2.03 1.84 -19.24
C28 9I6 F . -1.45 3.19 -19.60
O29 9I6 F . -3.36 2.00 -18.74
N30 9I6 F . -3.26 0.05 -20.39
N31 9I6 F . 0.35 -3.60 -25.24
C32 9I6 F . -0.73 -4.43 -24.96
C33 9I6 F . -0.37 -5.67 -24.26
C34 9I6 F . 0.97 -5.91 -23.96
N35 9I6 F . 1.98 -5.02 -24.29
C36 9I6 F . 1.62 -3.94 -24.89
C37 9I6 F . -1.36 -6.59 -23.92
C38 9I6 F . -1.00 -7.77 -23.29
C39 9I6 F . 0.34 -8.02 -22.99
C40 9I6 F . 1.32 -7.10 -23.32
BR1 9I6 F . 0.88 -9.64 -22.16
CL1 9I6 F . -2.25 -8.91 -22.91
O43 9I6 F . -1.87 -4.12 -25.30
#